data_8Z74
#
_entry.id   8Z74
#
_cell.length_a   1.00
_cell.length_b   1.00
_cell.length_c   1.00
_cell.angle_alpha   90.00
_cell.angle_beta   90.00
_cell.angle_gamma   90.00
#
_symmetry.space_group_name_H-M   'P 1'
#
loop_
_entity.id
_entity.type
_entity.pdbx_description
1 polymer 'agonistic antibody'
2 polymer 'Soluble cytochrome b562,Apelin receptor'
3 non-polymer CHOLESTEROL
#
loop_
_entity_poly.entity_id
_entity_poly.type
_entity_poly.pdbx_seq_one_letter_code
_entity_poly.pdbx_strand_id
1 'polypeptide(L)'
;QVQLVESGGGSVQSGGSLTLSCAASGSTYSSHCMGWFRQAPGKEREGVALMTRSRGTSYADSVKGRFTISQDNTKNILYL
QMNSLKPEDTAMYYCAAVPRAGIEYSGAYCKWNMKDSGSWGQGTQVTVSS
;
A,B
2 'polypeptide(L)'
;MKTIIALSYIFCLVFADYKDDDDKHHHHHHHHHHLEVLFQGPADLEDNWETLNDNLKVIEKADNAAQVKDALTKMRAAAL
DAQKATPPKLEDKSPDSPEMKDFRHGFDILVGQIDDALKLANEGKVKEAQAAAEQLKTTRNAYIQKYLEEGGDFDNYYGA
DNQSECEYTDWKSSGALIPAIYMLVFLLGTTGNGLVLWTVFRSSREKRRSADIFIASLAVADLTFVVTLPLWATYTYRDY
DWPFGTFFCKLSSYLIFVNMYASVFCLTGLSFDRYLAIVRPVANARLRLRVSGAVATAVLWVLAALLAMPVMVLRTTGDL
ENTTKVQCYMDYSMVATVSSEWAWEVGLGVSSTTVGFVVPFTIMLTCYFFIAQTIAGHFRKERIEGLRKRRRLLSIIVVL
VVTFALCWMPYHLVKTLYMLGSLLHWPCDFDLFLMNIFPYCTCISYVNSCLNPFLYAFFDPRFRQACTSMLCCGQSR
;
C,D
#
# COMPACT_ATOMS: atom_id res chain seq x y z
N GLN A 1 -27.75 23.38 3.09
CA GLN A 1 -28.09 24.44 4.03
C GLN A 1 -28.28 25.77 3.31
N VAL A 2 -27.42 26.04 2.33
CA VAL A 2 -27.47 27.31 1.62
C VAL A 2 -28.67 27.33 0.68
N GLN A 3 -29.09 28.53 0.31
CA GLN A 3 -30.19 28.74 -0.62
C GLN A 3 -29.63 29.29 -1.92
N LEU A 4 -29.83 28.57 -3.01
CA LEU A 4 -29.32 28.97 -4.32
C LEU A 4 -30.46 29.43 -5.21
N VAL A 5 -30.31 30.61 -5.79
CA VAL A 5 -31.30 31.18 -6.68
C VAL A 5 -30.63 31.38 -8.04
N GLU A 6 -31.15 30.69 -9.05
CA GLU A 6 -30.60 30.78 -10.40
C GLU A 6 -31.24 31.92 -11.16
N SER A 7 -30.76 32.17 -12.37
CA SER A 7 -31.30 33.23 -13.21
C SER A 7 -30.98 32.93 -14.66
N GLY A 8 -31.44 33.81 -15.55
CA GLY A 8 -31.11 33.70 -16.96
C GLY A 8 -31.81 32.52 -17.63
N GLY A 9 -31.15 31.97 -18.64
CA GLY A 9 -31.69 30.86 -19.39
C GLY A 9 -32.79 31.29 -20.34
N GLY A 10 -33.58 30.32 -20.77
CA GLY A 10 -34.72 30.58 -21.62
C GLY A 10 -34.46 30.28 -23.08
N SER A 11 -35.44 30.65 -23.90
CA SER A 11 -35.38 30.41 -25.34
C SER A 11 -34.61 31.54 -26.01
N VAL A 12 -33.36 31.27 -26.35
CA VAL A 12 -32.50 32.24 -27.01
C VAL A 12 -31.85 31.57 -28.22
N GLN A 13 -31.70 32.33 -29.31
CA GLN A 13 -31.12 31.79 -30.52
C GLN A 13 -29.67 31.41 -30.31
N SER A 14 -29.15 30.58 -31.22
CA SER A 14 -27.78 30.09 -31.14
C SER A 14 -26.79 31.24 -31.30
N GLY A 15 -25.65 31.10 -30.64
CA GLY A 15 -24.59 32.08 -30.69
C GLY A 15 -24.70 33.21 -29.69
N GLY A 16 -25.78 33.26 -28.90
CA GLY A 16 -25.92 34.29 -27.91
C GLY A 16 -24.99 34.08 -26.73
N SER A 17 -24.63 35.19 -26.07
CA SER A 17 -23.76 35.15 -24.90
C SER A 17 -24.61 35.18 -23.64
N LEU A 18 -25.33 34.07 -23.42
CA LEU A 18 -26.17 33.96 -22.24
C LEU A 18 -25.34 33.92 -20.97
N THR A 19 -25.78 34.65 -19.96
CA THR A 19 -25.10 34.71 -18.68
C THR A 19 -26.01 34.07 -17.62
N LEU A 20 -25.48 33.07 -16.92
CA LEU A 20 -26.21 32.39 -15.85
C LEU A 20 -25.55 32.77 -14.53
N SER A 21 -26.29 33.51 -13.70
CA SER A 21 -25.79 34.01 -12.42
C SER A 21 -26.49 33.27 -11.30
N CYS A 22 -25.77 32.34 -10.67
CA CYS A 22 -26.31 31.55 -9.57
C CYS A 22 -25.96 32.27 -8.27
N ALA A 23 -26.96 32.91 -7.67
CA ALA A 23 -26.77 33.56 -6.38
C ALA A 23 -26.73 32.53 -5.26
N ALA A 24 -26.34 33.00 -4.08
CA ALA A 24 -26.24 32.11 -2.93
C ALA A 24 -26.38 32.93 -1.66
N SER A 25 -26.65 32.23 -0.55
CA SER A 25 -26.79 32.87 0.75
C SER A 25 -26.20 31.91 1.80
N GLY A 26 -25.11 32.35 2.43
CA GLY A 26 -24.40 31.53 3.40
C GLY A 26 -23.36 30.61 2.79
N SER A 27 -23.21 30.61 1.47
CA SER A 27 -22.28 29.73 0.79
C SER A 27 -21.01 30.51 0.43
N THR A 28 -20.15 30.65 1.43
CA THR A 28 -18.89 31.37 1.25
C THR A 28 -17.91 30.55 0.43
N TYR A 29 -16.87 31.23 -0.06
CA TYR A 29 -15.82 30.57 -0.83
C TYR A 29 -15.09 29.53 0.00
N SER A 30 -14.87 29.79 1.29
CA SER A 30 -14.11 28.91 2.14
C SER A 30 -14.94 27.79 2.74
N SER A 31 -16.25 27.77 2.48
CA SER A 31 -17.14 26.76 3.05
C SER A 31 -17.74 25.84 2.01
N HIS A 32 -18.35 26.38 0.96
CA HIS A 32 -19.01 25.57 -0.06
C HIS A 32 -18.44 25.92 -1.43
N CYS A 33 -18.69 25.02 -2.38
CA CYS A 33 -18.13 25.08 -3.73
C CYS A 33 -19.25 25.33 -4.73
N MET A 34 -19.12 26.40 -5.51
CA MET A 34 -20.06 26.64 -6.59
C MET A 34 -19.84 25.66 -7.72
N GLY A 35 -20.88 25.46 -8.52
CA GLY A 35 -20.80 24.58 -9.67
C GLY A 35 -22.07 24.69 -10.49
N TRP A 36 -21.97 24.23 -11.74
CA TRP A 36 -23.10 24.27 -12.66
C TRP A 36 -23.31 22.91 -13.29
N PHE A 37 -24.56 22.49 -13.38
CA PHE A 37 -24.94 21.22 -13.96
C PHE A 37 -26.14 21.44 -14.88
N ARG A 38 -26.43 20.44 -15.71
CA ARG A 38 -27.68 20.45 -16.47
C ARG A 38 -28.26 19.04 -16.47
N GLN A 39 -29.59 18.95 -16.42
CA GLN A 39 -30.24 17.66 -16.27
C GLN A 39 -30.33 16.95 -17.62
N ALA A 40 -29.87 15.71 -17.65
CA ALA A 40 -29.92 14.89 -18.85
C ALA A 40 -31.35 14.42 -19.11
N PRO A 41 -31.63 13.92 -20.32
CA PRO A 41 -32.96 13.35 -20.56
C PRO A 41 -33.31 12.24 -19.60
N GLY A 42 -32.32 11.50 -19.11
CA GLY A 42 -32.55 10.51 -18.06
C GLY A 42 -32.35 11.10 -16.69
N LYS A 43 -32.35 12.43 -16.60
CA LYS A 43 -32.13 13.15 -15.35
C LYS A 43 -30.82 12.73 -14.68
N GLU A 44 -29.79 12.54 -15.49
CA GLU A 44 -28.49 12.14 -14.97
C GLU A 44 -27.71 13.30 -14.36
N ARG A 45 -28.14 14.54 -14.58
CA ARG A 45 -27.54 15.71 -13.96
C ARG A 45 -26.08 15.86 -14.38
N GLU A 46 -25.86 15.90 -15.69
CA GLU A 46 -24.50 15.98 -16.21
C GLU A 46 -23.90 17.35 -15.90
N GLY A 47 -22.66 17.34 -15.40
CA GLY A 47 -22.00 18.59 -15.09
C GLY A 47 -21.64 19.37 -16.34
N VAL A 48 -21.73 20.69 -16.26
CA VAL A 48 -21.40 21.55 -17.39
C VAL A 48 -20.22 22.45 -17.05
N ALA A 49 -20.11 22.83 -15.78
CA ALA A 49 -19.04 23.70 -15.32
C ALA A 49 -18.92 23.63 -13.81
N LEU A 50 -17.80 23.14 -13.31
CA LEU A 50 -17.60 22.96 -11.88
C LEU A 50 -16.37 23.74 -11.42
N MET A 51 -16.37 24.12 -10.16
CA MET A 51 -15.23 24.81 -9.56
C MET A 51 -14.36 23.80 -8.82
N THR A 52 -13.06 23.84 -9.08
CA THR A 52 -12.12 22.85 -8.60
C THR A 52 -10.93 23.55 -7.98
N ARG A 53 -10.46 23.02 -6.84
CA ARG A 53 -9.24 23.57 -6.26
C ARG A 53 -8.00 23.13 -7.02
N SER A 54 -7.99 21.90 -7.52
CA SER A 54 -6.83 21.41 -8.28
C SER A 54 -6.69 22.14 -9.61
N ARG A 55 -7.78 22.26 -10.35
CA ARG A 55 -7.76 22.84 -11.69
C ARG A 55 -8.27 24.27 -11.72
N GLY A 56 -9.50 24.48 -11.23
CA GLY A 56 -10.13 25.77 -11.34
C GLY A 56 -10.96 25.88 -12.59
N THR A 57 -12.28 26.00 -12.42
CA THR A 57 -13.22 26.11 -13.54
C THR A 57 -13.07 24.94 -14.51
N SER A 58 -13.36 23.74 -14.00
CA SER A 58 -13.29 22.53 -14.81
C SER A 58 -14.54 22.44 -15.68
N TYR A 59 -14.39 22.63 -16.98
CA TYR A 59 -15.49 22.55 -17.93
C TYR A 59 -15.54 21.16 -18.56
N ALA A 60 -16.75 20.63 -18.69
CA ALA A 60 -16.93 19.37 -19.41
C ALA A 60 -16.64 19.57 -20.88
N ASP A 61 -15.91 18.62 -21.47
CA ASP A 61 -15.52 18.74 -22.87
C ASP A 61 -16.72 18.78 -23.80
N SER A 62 -17.68 17.90 -23.58
CA SER A 62 -18.88 17.88 -24.42
C SER A 62 -19.72 19.13 -24.23
N VAL A 63 -19.51 19.88 -23.15
CA VAL A 63 -20.31 21.06 -22.86
C VAL A 63 -19.33 22.23 -22.84
N LYS A 64 -18.29 22.15 -23.67
CA LYS A 64 -17.28 23.20 -23.69
C LYS A 64 -17.90 24.53 -24.12
N GLY A 65 -18.35 24.60 -25.37
CA GLY A 65 -18.93 25.82 -25.91
C GLY A 65 -18.02 27.01 -25.68
N ARG A 66 -18.54 28.02 -24.98
CA ARG A 66 -17.74 29.14 -24.50
C ARG A 66 -18.02 29.40 -23.03
N PHE A 67 -18.27 28.33 -22.27
CA PHE A 67 -18.64 28.46 -20.86
C PHE A 67 -17.49 29.07 -20.07
N THR A 68 -17.84 29.93 -19.11
CA THR A 68 -16.85 30.58 -18.26
C THR A 68 -17.38 30.63 -16.84
N ILE A 69 -16.49 30.44 -15.87
CA ILE A 69 -16.83 30.47 -14.46
C ILE A 69 -16.12 31.66 -13.81
N SER A 70 -16.89 32.46 -13.07
CA SER A 70 -16.31 33.56 -12.30
C SER A 70 -17.09 33.69 -11.00
N GLN A 71 -16.37 33.65 -9.89
CA GLN A 71 -16.95 33.70 -8.56
C GLN A 71 -16.68 35.05 -7.92
N ASP A 72 -17.73 35.76 -7.53
CA ASP A 72 -17.64 37.02 -6.82
C ASP A 72 -17.99 36.78 -5.37
N ASN A 73 -16.99 36.85 -4.49
CA ASN A 73 -17.24 36.58 -3.07
C ASN A 73 -18.08 37.67 -2.43
N THR A 74 -17.96 38.91 -2.90
CA THR A 74 -18.67 40.02 -2.28
C THR A 74 -20.18 39.87 -2.42
N LYS A 75 -20.66 39.66 -3.65
CA LYS A 75 -22.08 39.49 -3.90
C LYS A 75 -22.51 38.03 -3.88
N ASN A 76 -21.56 37.10 -3.80
CA ASN A 76 -21.85 35.67 -3.66
C ASN A 76 -22.69 35.14 -4.81
N ILE A 77 -22.32 35.51 -6.03
CA ILE A 77 -22.96 35.02 -7.24
C ILE A 77 -21.91 34.33 -8.11
N LEU A 78 -22.19 33.08 -8.49
CA LEU A 78 -21.39 32.39 -9.47
C LEU A 78 -21.95 32.66 -10.86
N TYR A 79 -21.09 33.09 -11.77
CA TYR A 79 -21.51 33.42 -13.12
C TYR A 79 -21.12 32.30 -14.07
N LEU A 80 -22.06 31.85 -14.88
CA LEU A 80 -21.82 30.87 -15.93
C LEU A 80 -21.95 31.58 -17.27
N GLN A 81 -20.84 32.15 -17.74
CA GLN A 81 -20.82 32.83 -19.03
C GLN A 81 -20.78 31.79 -20.14
N MET A 82 -21.92 31.15 -20.36
CA MET A 82 -22.07 30.10 -21.36
C MET A 82 -22.36 30.73 -22.72
N ASN A 83 -21.36 31.42 -23.24
CA ASN A 83 -21.49 32.09 -24.53
C ASN A 83 -21.51 31.07 -25.66
N SER A 84 -21.90 31.55 -26.85
CA SER A 84 -22.01 30.71 -28.04
C SER A 84 -22.97 29.54 -27.80
N LEU A 85 -24.23 29.90 -27.61
CA LEU A 85 -25.29 28.94 -27.33
C LEU A 85 -25.26 27.78 -28.32
N LYS A 86 -25.02 26.59 -27.80
CA LYS A 86 -24.94 25.39 -28.61
C LYS A 86 -26.26 24.63 -28.58
N PRO A 87 -26.55 23.83 -29.61
CA PRO A 87 -27.75 22.98 -29.54
C PRO A 87 -27.74 22.03 -28.36
N GLU A 88 -26.55 21.61 -27.90
CA GLU A 88 -26.46 20.82 -26.69
C GLU A 88 -26.84 21.63 -25.45
N ASP A 89 -26.78 22.96 -25.53
CA ASP A 89 -27.12 23.78 -24.37
C ASP A 89 -28.61 23.90 -24.14
N THR A 90 -29.44 23.19 -24.92
CA THR A 90 -30.89 23.19 -24.73
C THR A 90 -31.20 22.24 -23.59
N ALA A 91 -31.11 22.74 -22.35
CA ALA A 91 -31.33 21.91 -21.18
C ALA A 91 -31.65 22.80 -19.99
N MET A 92 -32.14 22.17 -18.93
CA MET A 92 -32.40 22.85 -17.66
C MET A 92 -31.09 22.96 -16.90
N TYR A 93 -30.61 24.16 -16.68
CA TYR A 93 -29.30 24.39 -16.07
C TYR A 93 -29.47 24.70 -14.59
N TYR A 94 -28.94 23.82 -13.74
CA TYR A 94 -29.00 23.98 -12.29
C TYR A 94 -27.60 24.25 -11.74
N CYS A 95 -27.54 24.99 -10.64
CA CYS A 95 -26.30 25.25 -9.93
C CYS A 95 -26.38 24.57 -8.57
N ALA A 96 -25.24 24.07 -8.10
CA ALA A 96 -25.19 23.35 -6.84
C ALA A 96 -24.07 23.89 -5.98
N ALA A 97 -24.23 23.73 -4.66
CA ALA A 97 -23.24 24.13 -3.68
C ALA A 97 -22.85 22.90 -2.89
N VAL A 98 -21.89 22.15 -3.42
CA VAL A 98 -21.34 20.99 -2.71
C VAL A 98 -20.32 21.48 -1.68
N PRO A 99 -20.51 21.17 -0.37
CA PRO A 99 -19.65 21.70 0.68
C PRO A 99 -18.18 21.49 0.40
N ARG A 100 -17.41 22.57 0.47
CA ARG A 100 -15.97 22.45 0.29
C ARG A 100 -15.32 21.80 1.51
N ALA A 101 -14.39 20.88 1.27
CA ALA A 101 -13.75 20.16 2.34
C ALA A 101 -12.76 21.04 3.08
N GLY A 102 -12.29 20.56 4.22
CA GLY A 102 -11.38 21.31 5.04
C GLY A 102 -9.97 21.34 4.47
N ILE A 103 -9.19 22.31 4.97
CA ILE A 103 -7.82 22.47 4.52
C ILE A 103 -6.90 21.46 5.20
N GLU A 104 -7.28 20.96 6.38
CA GLU A 104 -6.36 20.15 7.17
C GLU A 104 -6.18 18.77 6.56
N TYR A 105 -7.26 18.14 6.11
CA TYR A 105 -7.24 16.77 5.64
C TYR A 105 -7.31 16.66 4.13
N SER A 106 -8.29 17.30 3.50
CA SER A 106 -8.55 17.16 2.07
C SER A 106 -7.85 18.23 1.25
N GLY A 107 -7.13 19.15 1.90
CA GLY A 107 -6.50 20.22 1.15
C GLY A 107 -7.49 21.14 0.47
N ALA A 108 -8.61 21.42 1.13
CA ALA A 108 -9.64 22.35 0.64
C ALA A 108 -10.14 21.93 -0.74
N TYR A 109 -10.40 20.63 -0.91
CA TYR A 109 -11.01 20.14 -2.13
C TYR A 109 -12.51 20.40 -2.08
N CYS A 110 -13.19 20.16 -3.21
CA CYS A 110 -14.55 20.63 -3.40
C CYS A 110 -15.57 19.50 -3.37
N LYS A 111 -15.13 18.26 -3.20
CA LYS A 111 -15.99 17.11 -2.90
C LYS A 111 -17.12 16.92 -3.90
N TRP A 112 -16.80 17.07 -5.19
CA TRP A 112 -17.82 16.92 -6.22
C TRP A 112 -18.44 15.53 -6.24
N ASN A 113 -17.81 14.54 -5.62
CA ASN A 113 -18.41 13.21 -5.55
C ASN A 113 -19.67 13.19 -4.69
N MET A 114 -19.89 14.21 -3.86
CA MET A 114 -21.05 14.31 -2.99
C MET A 114 -22.09 15.27 -3.57
N LYS A 115 -22.19 15.34 -4.89
CA LYS A 115 -23.19 16.18 -5.52
C LYS A 115 -24.60 15.68 -5.27
N ASP A 116 -24.77 14.38 -4.98
CA ASP A 116 -26.09 13.85 -4.69
C ASP A 116 -26.65 14.42 -3.40
N SER A 117 -25.78 14.63 -2.40
CA SER A 117 -26.19 15.16 -1.11
C SER A 117 -26.05 16.67 -1.01
N GLY A 118 -25.69 17.36 -2.09
CA GLY A 118 -25.53 18.78 -2.06
C GLY A 118 -26.84 19.54 -2.16
N SER A 119 -26.73 20.86 -2.05
CA SER A 119 -27.89 21.74 -2.15
C SER A 119 -28.03 22.25 -3.57
N TRP A 120 -29.24 22.17 -4.10
CA TRP A 120 -29.52 22.52 -5.48
C TRP A 120 -30.52 23.68 -5.53
N GLY A 121 -30.94 24.02 -6.75
CA GLY A 121 -31.93 25.05 -6.95
C GLY A 121 -32.65 24.85 -8.25
N GLN A 122 -33.91 25.28 -8.31
CA GLN A 122 -34.75 25.09 -9.49
C GLN A 122 -34.18 25.90 -10.65
N GLY A 123 -33.68 25.22 -11.67
CA GLY A 123 -32.98 25.85 -12.76
C GLY A 123 -33.91 26.50 -13.77
N THR A 124 -33.31 26.90 -14.88
CA THR A 124 -34.01 27.56 -15.97
C THR A 124 -33.92 26.71 -17.23
N GLN A 125 -35.00 26.71 -18.02
CA GLN A 125 -35.09 25.89 -19.22
C GLN A 125 -34.47 26.66 -20.38
N VAL A 126 -33.21 26.37 -20.66
CA VAL A 126 -32.56 26.97 -21.82
C VAL A 126 -33.03 26.26 -23.08
N THR A 127 -33.53 27.01 -24.04
CA THR A 127 -34.04 26.48 -25.30
C THR A 127 -33.26 27.17 -26.43
N VAL A 128 -32.12 26.60 -26.79
CA VAL A 128 -31.25 27.21 -27.79
C VAL A 128 -31.90 27.03 -29.16
N SER A 129 -32.29 28.13 -29.78
CA SER A 129 -32.91 28.12 -31.09
C SER A 129 -31.81 28.29 -32.16
N SER A 130 -32.22 28.50 -33.40
CA SER A 130 -31.27 28.70 -34.49
C SER A 130 -30.79 30.14 -34.55
N GLN B 1 1.87 -17.36 -31.70
CA GLN B 1 2.47 -18.34 -32.58
C GLN B 1 1.41 -19.34 -33.07
N VAL B 2 0.29 -19.41 -32.34
CA VAL B 2 -0.79 -20.32 -32.71
C VAL B 2 -1.44 -19.84 -34.00
N GLN B 3 -1.66 -20.78 -34.92
CA GLN B 3 -2.36 -20.50 -36.18
C GLN B 3 -3.84 -20.84 -35.97
N LEU B 4 -4.62 -19.85 -35.55
CA LEU B 4 -6.04 -20.05 -35.26
C LEU B 4 -6.80 -19.99 -36.57
N VAL B 5 -6.98 -21.14 -37.21
CA VAL B 5 -7.75 -21.22 -38.46
C VAL B 5 -9.20 -21.46 -38.06
N GLU B 6 -9.88 -20.36 -37.74
CA GLU B 6 -11.27 -20.45 -37.30
C GLU B 6 -12.18 -20.75 -38.48
N SER B 7 -13.04 -21.75 -38.30
CA SER B 7 -13.97 -22.19 -39.33
C SER B 7 -15.40 -22.11 -38.79
N GLY B 8 -16.35 -22.52 -39.62
CA GLY B 8 -17.74 -22.58 -39.24
C GLY B 8 -18.50 -21.29 -39.39
N GLY B 9 -17.83 -20.19 -39.74
CA GLY B 9 -18.52 -18.93 -39.95
C GLY B 9 -19.51 -18.97 -41.09
N GLY B 10 -20.71 -18.46 -40.87
CA GLY B 10 -21.75 -18.45 -41.88
C GLY B 10 -22.69 -17.29 -41.67
N SER B 11 -23.89 -17.40 -42.26
CA SER B 11 -24.91 -16.36 -42.12
C SER B 11 -26.26 -17.03 -41.95
N VAL B 12 -27.05 -16.53 -40.99
CA VAL B 12 -28.36 -17.09 -40.69
C VAL B 12 -29.36 -15.96 -40.53
N GLN B 13 -30.59 -16.30 -40.16
CA GLN B 13 -31.64 -15.33 -39.87
C GLN B 13 -31.80 -15.20 -38.35
N SER B 14 -32.81 -14.43 -37.95
CA SER B 14 -33.08 -14.23 -36.52
C SER B 14 -33.37 -15.57 -35.84
N GLY B 15 -32.77 -15.76 -34.67
CA GLY B 15 -32.89 -17.01 -33.95
C GLY B 15 -32.00 -18.12 -34.47
N GLY B 16 -31.04 -17.81 -35.33
CA GLY B 16 -30.17 -18.84 -35.86
C GLY B 16 -29.30 -19.47 -34.80
N SER B 17 -29.02 -20.76 -34.98
CA SER B 17 -28.22 -21.54 -34.04
C SER B 17 -26.87 -21.91 -34.65
N LEU B 18 -26.26 -20.96 -35.36
CA LEU B 18 -24.97 -21.22 -35.99
C LEU B 18 -23.92 -21.58 -34.95
N THR B 19 -23.09 -22.55 -35.28
CA THR B 19 -22.02 -23.01 -34.40
C THR B 19 -20.68 -22.62 -35.01
N LEU B 20 -19.85 -21.92 -34.24
CA LEU B 20 -18.54 -21.47 -34.68
C LEU B 20 -17.49 -22.34 -34.02
N SER B 21 -16.66 -22.98 -34.83
CA SER B 21 -15.64 -23.91 -34.35
C SER B 21 -14.26 -23.35 -34.70
N CYS B 22 -13.65 -22.66 -33.75
CA CYS B 22 -12.32 -22.08 -33.96
C CYS B 22 -11.29 -23.17 -33.71
N ALA B 23 -10.76 -23.74 -34.80
CA ALA B 23 -9.67 -24.69 -34.69
C ALA B 23 -8.37 -23.95 -34.38
N ALA B 24 -7.41 -24.69 -33.82
CA ALA B 24 -6.13 -24.09 -33.48
C ALA B 24 -5.04 -25.15 -33.56
N SER B 25 -3.80 -24.68 -33.68
CA SER B 25 -2.63 -25.54 -33.75
C SER B 25 -1.53 -24.94 -32.88
N GLY B 26 -1.08 -25.70 -31.89
CA GLY B 26 -0.07 -25.23 -30.96
C GLY B 26 -0.60 -24.54 -29.73
N SER B 27 -1.91 -24.28 -29.65
CA SER B 27 -2.49 -23.64 -28.48
C SER B 27 -2.99 -24.72 -27.53
N THR B 28 -2.07 -25.29 -26.77
CA THR B 28 -2.45 -26.21 -25.71
C THR B 28 -3.25 -25.46 -24.66
N TYR B 29 -4.18 -26.19 -24.01
CA TYR B 29 -5.03 -25.58 -23.00
C TYR B 29 -4.23 -25.00 -21.84
N SER B 30 -3.00 -25.48 -21.63
CA SER B 30 -2.17 -24.95 -20.55
C SER B 30 -1.41 -23.70 -20.98
N SER B 31 -0.94 -23.66 -22.23
CA SER B 31 -0.13 -22.54 -22.69
C SER B 31 -0.98 -21.37 -23.13
N HIS B 32 -1.81 -21.57 -24.15
CA HIS B 32 -2.64 -20.50 -24.71
C HIS B 32 -4.09 -20.74 -24.31
N CYS B 33 -4.72 -19.70 -23.78
CA CYS B 33 -6.11 -19.76 -23.34
C CYS B 33 -6.93 -18.94 -24.33
N MET B 34 -7.67 -19.64 -25.19
CA MET B 34 -8.32 -19.00 -26.33
C MET B 34 -9.71 -18.52 -25.97
N GLY B 35 -10.20 -17.59 -26.79
CA GLY B 35 -11.52 -17.01 -26.60
C GLY B 35 -12.02 -16.47 -27.92
N TRP B 36 -13.24 -15.95 -27.89
CA TRP B 36 -13.91 -15.46 -29.09
C TRP B 36 -14.12 -13.95 -28.99
N PHE B 37 -13.97 -13.28 -30.12
CA PHE B 37 -14.12 -11.83 -30.21
C PHE B 37 -15.01 -11.49 -31.39
N ARG B 38 -15.81 -10.44 -31.24
CA ARG B 38 -16.72 -9.97 -32.28
C ARG B 38 -16.35 -8.54 -32.63
N GLN B 39 -16.09 -8.28 -33.91
CA GLN B 39 -15.75 -6.95 -34.38
C GLN B 39 -16.98 -6.40 -35.08
N ALA B 40 -17.55 -5.34 -34.51
CA ALA B 40 -18.68 -4.68 -35.14
C ALA B 40 -18.19 -3.73 -36.22
N PRO B 41 -18.89 -3.63 -37.35
CA PRO B 41 -18.43 -2.79 -38.45
C PRO B 41 -18.29 -1.34 -38.02
N GLY B 42 -17.21 -0.70 -38.47
CA GLY B 42 -16.96 0.69 -38.17
C GLY B 42 -16.51 0.99 -36.75
N LYS B 43 -16.35 -0.03 -35.91
CA LYS B 43 -15.93 0.14 -34.54
C LYS B 43 -14.84 -0.85 -34.19
N GLU B 44 -14.28 -0.71 -33.00
CA GLU B 44 -13.23 -1.61 -32.54
C GLU B 44 -13.79 -2.99 -32.29
N ARG B 45 -12.90 -3.99 -32.32
CA ARG B 45 -13.30 -5.37 -32.07
C ARG B 45 -13.74 -5.53 -30.62
N GLU B 46 -14.91 -6.11 -30.42
CA GLU B 46 -15.45 -6.33 -29.10
C GLU B 46 -15.29 -7.80 -28.71
N GLY B 47 -15.84 -8.16 -27.56
CA GLY B 47 -15.80 -9.53 -27.08
C GLY B 47 -17.18 -10.15 -27.06
N VAL B 48 -17.23 -11.47 -27.22
CA VAL B 48 -18.46 -12.23 -27.08
C VAL B 48 -18.29 -13.32 -26.04
N ALA B 49 -17.27 -14.17 -26.22
CA ALA B 49 -17.02 -15.29 -25.32
C ALA B 49 -15.50 -15.37 -25.10
N LEU B 50 -15.03 -14.69 -24.07
CA LEU B 50 -13.63 -14.72 -23.68
C LEU B 50 -13.48 -15.75 -22.57
N MET B 51 -12.89 -16.89 -22.89
CA MET B 51 -12.69 -17.93 -21.89
C MET B 51 -11.60 -17.48 -20.93
N THR B 52 -11.93 -17.45 -19.65
CA THR B 52 -11.02 -17.01 -18.61
C THR B 52 -10.74 -18.15 -17.65
N ARG B 53 -10.06 -17.84 -16.54
CA ARG B 53 -9.78 -18.81 -15.49
C ARG B 53 -10.52 -18.51 -14.20
N SER B 54 -10.59 -17.24 -13.80
CA SER B 54 -11.27 -16.89 -12.56
C SER B 54 -12.77 -17.15 -12.64
N ARG B 55 -13.41 -16.65 -13.69
CA ARG B 55 -14.85 -16.81 -13.86
C ARG B 55 -15.22 -18.03 -14.70
N GLY B 56 -14.25 -18.86 -15.06
CA GLY B 56 -14.52 -19.95 -15.98
C GLY B 56 -14.72 -19.41 -17.38
N THR B 57 -15.92 -19.58 -17.92
CA THR B 57 -16.25 -19.00 -19.22
C THR B 57 -16.95 -17.67 -18.99
N SER B 58 -16.45 -16.62 -19.65
CA SER B 58 -17.04 -15.30 -19.54
C SER B 58 -17.83 -14.97 -20.80
N TYR B 59 -18.59 -13.88 -20.73
CA TYR B 59 -19.47 -13.48 -21.82
C TYR B 59 -19.55 -11.97 -21.87
N ALA B 60 -20.26 -11.45 -22.86
CA ALA B 60 -20.54 -10.03 -22.97
C ALA B 60 -21.98 -9.80 -22.52
N ASP B 61 -22.14 -9.05 -21.43
CA ASP B 61 -23.45 -8.93 -20.79
C ASP B 61 -24.51 -8.39 -21.74
N SER B 62 -24.11 -7.64 -22.76
CA SER B 62 -25.07 -7.17 -23.74
C SER B 62 -25.62 -8.30 -24.60
N VAL B 63 -24.88 -9.39 -24.72
CA VAL B 63 -25.26 -10.48 -25.60
C VAL B 63 -25.12 -11.81 -24.85
N LYS B 64 -24.83 -11.72 -23.55
CA LYS B 64 -24.65 -12.92 -22.75
C LYS B 64 -25.92 -13.75 -22.70
N GLY B 65 -25.75 -15.07 -22.77
CA GLY B 65 -26.83 -16.03 -22.67
C GLY B 65 -27.30 -16.58 -24.00
N ARG B 66 -27.00 -15.88 -25.09
CA ARG B 66 -27.42 -16.35 -26.41
C ARG B 66 -26.56 -17.50 -26.91
N PHE B 67 -25.29 -17.54 -26.54
CA PHE B 67 -24.36 -18.51 -27.10
C PHE B 67 -23.57 -19.20 -26.01
N THR B 68 -23.14 -20.43 -26.31
CA THR B 68 -22.38 -21.26 -25.38
C THR B 68 -21.04 -21.61 -26.02
N ILE B 69 -19.99 -21.58 -25.21
CA ILE B 69 -18.63 -21.83 -25.67
C ILE B 69 -18.00 -22.92 -24.82
N SER B 70 -17.44 -23.93 -25.47
CA SER B 70 -16.76 -25.03 -24.79
C SER B 70 -15.48 -25.35 -25.53
N GLN B 71 -14.51 -25.89 -24.81
CA GLN B 71 -13.18 -26.18 -25.34
C GLN B 71 -12.89 -27.67 -25.21
N ASP B 72 -12.38 -28.26 -26.30
CA ASP B 72 -11.97 -29.66 -26.31
C ASP B 72 -10.46 -29.70 -26.49
N ASN B 73 -9.76 -30.13 -25.45
CA ASN B 73 -8.30 -30.22 -25.51
C ASN B 73 -7.81 -31.36 -26.40
N THR B 74 -8.70 -32.26 -26.83
CA THR B 74 -8.27 -33.39 -27.64
C THR B 74 -7.88 -32.95 -29.03
N LYS B 75 -8.83 -32.37 -29.78
CA LYS B 75 -8.57 -31.88 -31.13
C LYS B 75 -8.35 -30.38 -31.16
N ASN B 76 -8.29 -29.73 -30.00
CA ASN B 76 -7.96 -28.31 -29.89
C ASN B 76 -8.88 -27.44 -30.74
N ILE B 77 -10.18 -27.71 -30.65
CA ILE B 77 -11.19 -26.97 -31.39
C ILE B 77 -12.13 -26.32 -30.39
N LEU B 78 -12.30 -25.01 -30.51
CA LEU B 78 -13.15 -24.24 -29.61
C LEU B 78 -14.49 -23.98 -30.27
N TYR B 79 -15.57 -24.28 -29.56
CA TYR B 79 -16.92 -24.11 -30.07
C TYR B 79 -17.47 -22.76 -29.64
N LEU B 80 -18.23 -22.13 -30.52
CA LEU B 80 -19.03 -20.94 -30.20
C LEU B 80 -20.43 -21.19 -30.72
N GLN B 81 -21.27 -21.81 -29.88
CA GLN B 81 -22.64 -22.17 -30.28
C GLN B 81 -23.49 -20.91 -30.27
N MET B 82 -23.38 -20.14 -31.35
CA MET B 82 -24.09 -18.87 -31.49
C MET B 82 -25.57 -19.16 -31.73
N ASN B 83 -26.26 -19.50 -30.66
CA ASN B 83 -27.68 -19.81 -30.72
C ASN B 83 -28.51 -18.54 -30.56
N SER B 84 -29.73 -18.58 -31.10
CA SER B 84 -30.66 -17.46 -31.03
C SER B 84 -30.01 -16.16 -31.49
N LEU B 85 -29.32 -16.24 -32.62
CA LEU B 85 -28.61 -15.08 -33.13
C LEU B 85 -29.58 -13.96 -33.48
N LYS B 86 -29.22 -12.74 -33.11
CA LYS B 86 -30.10 -11.59 -33.24
C LYS B 86 -29.54 -10.57 -34.23
N PRO B 87 -30.42 -9.74 -34.82
CA PRO B 87 -29.91 -8.69 -35.72
C PRO B 87 -28.97 -7.72 -35.03
N GLU B 88 -29.07 -7.57 -33.71
CA GLU B 88 -28.07 -6.79 -32.98
C GLU B 88 -26.73 -7.51 -32.92
N ASP B 89 -26.69 -8.79 -33.26
CA ASP B 89 -25.46 -9.56 -33.27
C ASP B 89 -24.79 -9.61 -34.64
N THR B 90 -25.31 -8.88 -35.63
CA THR B 90 -24.74 -8.88 -36.96
C THR B 90 -23.36 -8.22 -36.96
N ALA B 91 -22.31 -9.02 -37.04
CA ALA B 91 -20.94 -8.49 -37.03
C ALA B 91 -19.98 -9.60 -37.44
N MET B 92 -18.70 -9.26 -37.45
CA MET B 92 -17.62 -10.18 -37.77
C MET B 92 -17.10 -10.83 -36.49
N TYR B 93 -16.73 -12.11 -36.59
CA TYR B 93 -16.30 -12.88 -35.43
C TYR B 93 -14.86 -13.34 -35.62
N TYR B 94 -14.00 -12.94 -34.70
CA TYR B 94 -12.61 -13.39 -34.65
C TYR B 94 -12.40 -14.26 -33.43
N CYS B 95 -11.59 -15.30 -33.58
CA CYS B 95 -11.17 -16.13 -32.46
C CYS B 95 -9.69 -15.88 -32.21
N ALA B 96 -9.34 -15.68 -30.94
CA ALA B 96 -7.98 -15.29 -30.57
C ALA B 96 -7.52 -16.12 -29.39
N ALA B 97 -6.20 -16.19 -29.24
CA ALA B 97 -5.57 -16.92 -28.14
C ALA B 97 -4.50 -16.03 -27.51
N VAL B 98 -4.84 -15.41 -26.39
CA VAL B 98 -3.86 -14.68 -25.59
C VAL B 98 -3.00 -15.70 -24.86
N PRO B 99 -1.76 -15.38 -24.49
CA PRO B 99 -0.92 -16.37 -23.82
C PRO B 99 -1.21 -16.41 -22.33
N ARG B 100 -1.75 -17.54 -21.88
CA ARG B 100 -2.08 -17.71 -20.47
C ARG B 100 -0.80 -17.75 -19.64
N ALA B 101 -0.79 -16.98 -18.56
CA ALA B 101 0.39 -16.89 -17.72
C ALA B 101 0.56 -18.15 -16.88
N GLY B 102 1.68 -18.22 -16.16
CA GLY B 102 1.95 -19.38 -15.33
C GLY B 102 1.22 -19.33 -14.01
N ILE B 103 1.17 -20.48 -13.34
CA ILE B 103 0.50 -20.57 -12.05
C ILE B 103 1.29 -19.85 -10.97
N GLU B 104 2.61 -19.71 -11.15
CA GLU B 104 3.45 -19.16 -10.10
C GLU B 104 3.10 -17.71 -9.79
N TYR B 105 2.81 -16.91 -10.81
CA TYR B 105 2.66 -15.47 -10.66
C TYR B 105 1.23 -15.00 -10.84
N SER B 106 0.60 -15.32 -11.97
CA SER B 106 -0.76 -14.87 -12.26
C SER B 106 -1.82 -15.92 -11.95
N GLY B 107 -1.43 -17.08 -11.45
CA GLY B 107 -2.39 -18.14 -11.19
C GLY B 107 -3.05 -18.70 -12.42
N ALA B 108 -2.30 -18.79 -13.52
CA ALA B 108 -2.78 -19.34 -14.79
C ALA B 108 -4.03 -18.60 -15.28
N TYR B 109 -3.86 -17.29 -15.48
CA TYR B 109 -4.93 -16.45 -15.99
C TYR B 109 -4.69 -16.14 -17.46
N CYS B 110 -5.78 -15.87 -18.17
CA CYS B 110 -5.74 -15.52 -19.59
C CYS B 110 -5.56 -14.02 -19.70
N LYS B 111 -4.39 -13.60 -20.19
CA LYS B 111 -4.04 -12.18 -20.25
C LYS B 111 -4.83 -11.55 -21.39
N TRP B 112 -6.13 -11.35 -21.16
CA TRP B 112 -6.98 -10.70 -22.13
C TRP B 112 -6.69 -9.21 -22.27
N ASN B 113 -5.93 -8.63 -21.33
CA ASN B 113 -5.45 -7.27 -21.52
C ASN B 113 -4.46 -7.19 -22.66
N MET B 114 -3.81 -8.29 -23.01
CA MET B 114 -2.89 -8.36 -24.14
C MET B 114 -3.55 -8.95 -25.37
N LYS B 115 -4.86 -8.73 -25.54
CA LYS B 115 -5.54 -9.20 -26.73
C LYS B 115 -5.00 -8.53 -27.99
N ASP B 116 -4.47 -7.31 -27.85
CA ASP B 116 -3.86 -6.62 -28.99
C ASP B 116 -2.62 -7.36 -29.48
N SER B 117 -1.78 -7.80 -28.56
CA SER B 117 -0.56 -8.54 -28.89
C SER B 117 -0.81 -10.05 -28.78
N GLY B 118 -1.79 -10.52 -29.55
CA GLY B 118 -2.11 -11.93 -29.56
C GLY B 118 -2.37 -12.40 -30.98
N SER B 119 -2.36 -13.73 -31.14
CA SER B 119 -2.63 -14.32 -32.44
C SER B 119 -4.13 -14.25 -32.73
N TRP B 120 -4.46 -14.02 -34.00
CA TRP B 120 -5.84 -13.86 -34.44
C TRP B 120 -6.08 -14.74 -35.66
N GLY B 121 -7.36 -14.84 -36.04
CA GLY B 121 -7.74 -15.59 -37.21
C GLY B 121 -8.41 -14.73 -38.25
N GLN B 122 -9.38 -15.30 -38.98
CA GLN B 122 -10.09 -14.56 -40.02
C GLN B 122 -11.57 -14.42 -39.73
N GLY B 123 -12.27 -15.53 -39.50
CA GLY B 123 -13.69 -15.47 -39.23
C GLY B 123 -14.51 -15.27 -40.49
N THR B 124 -15.82 -15.23 -40.30
CA THR B 124 -16.76 -15.02 -41.40
C THR B 124 -17.96 -14.24 -40.89
N GLN B 125 -18.41 -13.27 -41.69
CA GLN B 125 -19.46 -12.35 -41.26
C GLN B 125 -20.77 -13.10 -41.08
N VAL B 126 -21.47 -12.80 -39.99
CA VAL B 126 -22.77 -13.42 -39.73
C VAL B 126 -23.85 -12.36 -39.87
N THR B 127 -24.45 -12.28 -41.06
CA THR B 127 -25.52 -11.31 -41.33
C THR B 127 -26.85 -11.91 -40.88
N VAL B 128 -27.12 -11.73 -39.59
CA VAL B 128 -28.36 -12.25 -39.00
C VAL B 128 -29.53 -11.42 -39.53
N SER B 129 -30.43 -12.07 -40.26
CA SER B 129 -31.59 -11.38 -40.80
C SER B 129 -32.56 -11.02 -39.67
N SER B 130 -33.32 -9.95 -39.90
CA SER B 130 -34.29 -9.48 -38.92
C SER B 130 -35.59 -10.28 -39.02
N LYS C 172 1.38 28.66 -7.20
CA LYS C 172 2.36 27.83 -7.91
C LYS C 172 2.60 26.51 -7.17
N SER C 173 2.58 25.41 -7.93
CA SER C 173 2.83 24.09 -7.35
C SER C 173 4.31 23.80 -7.16
N SER C 174 5.19 24.68 -7.62
CA SER C 174 6.64 24.54 -7.50
C SER C 174 7.16 23.30 -8.21
N GLY C 175 6.40 22.77 -9.17
CA GLY C 175 6.82 21.61 -9.93
C GLY C 175 7.06 20.38 -9.08
N ALA C 176 8.33 19.97 -8.99
CA ALA C 176 8.71 18.79 -8.22
C ALA C 176 9.46 19.17 -6.94
N LEU C 177 9.19 20.36 -6.40
CA LEU C 177 9.86 20.77 -5.17
C LEU C 177 9.33 20.00 -3.97
N ILE C 178 8.00 19.90 -3.85
CA ILE C 178 7.38 19.22 -2.71
C ILE C 178 7.73 17.73 -2.69
N PRO C 179 7.71 16.99 -3.80
CA PRO C 179 8.09 15.57 -3.70
C PRO C 179 9.57 15.37 -3.46
N ALA C 180 10.41 16.24 -4.03
CA ALA C 180 11.85 16.15 -3.77
C ALA C 180 12.15 16.41 -2.30
N ILE C 181 11.50 17.41 -1.71
CA ILE C 181 11.68 17.67 -0.29
C ILE C 181 11.18 16.49 0.52
N TYR C 182 10.03 15.91 0.13
CA TYR C 182 9.47 14.79 0.86
C TYR C 182 10.41 13.59 0.83
N MET C 183 11.00 13.30 -0.33
CA MET C 183 11.92 12.18 -0.43
C MET C 183 13.21 12.45 0.33
N LEU C 184 13.68 13.70 0.31
CA LEU C 184 14.88 14.04 1.06
C LEU C 184 14.66 13.86 2.56
N VAL C 185 13.52 14.34 3.08
CA VAL C 185 13.24 14.15 4.49
C VAL C 185 13.01 12.68 4.78
N PHE C 186 12.44 11.94 3.84
CA PHE C 186 12.32 10.49 4.02
C PHE C 186 13.68 9.85 4.26
N LEU C 187 14.64 10.11 3.37
CA LEU C 187 15.95 9.50 3.50
C LEU C 187 16.65 9.95 4.78
N LEU C 188 16.72 11.28 5.00
CA LEU C 188 17.43 11.80 6.16
C LEU C 188 16.78 11.36 7.45
N GLY C 189 15.45 11.38 7.51
CA GLY C 189 14.76 10.96 8.72
C GLY C 189 14.93 9.49 9.00
N THR C 190 14.82 8.64 7.97
CA THR C 190 15.05 7.22 8.19
C THR C 190 16.44 6.98 8.74
N THR C 191 17.46 7.54 8.09
CA THR C 191 18.84 7.29 8.54
C THR C 191 19.08 7.86 9.94
N GLY C 192 18.66 9.10 10.17
CA GLY C 192 18.93 9.73 11.46
C GLY C 192 18.15 9.11 12.60
N ASN C 193 16.89 8.75 12.36
CA ASN C 193 16.09 8.12 13.39
C ASN C 193 16.59 6.72 13.69
N GLY C 194 17.04 5.99 12.67
CA GLY C 194 17.71 4.73 12.93
C GLY C 194 18.97 4.92 13.76
N LEU C 195 19.74 5.97 13.45
CA LEU C 195 20.96 6.22 14.21
C LEU C 195 20.67 6.57 15.66
N VAL C 196 19.65 7.41 15.91
CA VAL C 196 19.34 7.79 17.28
C VAL C 196 18.72 6.63 18.05
N LEU C 197 17.92 5.80 17.39
CA LEU C 197 17.42 4.59 18.04
C LEU C 197 18.57 3.67 18.40
N TRP C 198 19.53 3.50 17.49
CA TRP C 198 20.69 2.67 17.78
C TRP C 198 21.51 3.25 18.94
N THR C 199 21.63 4.58 19.00
CA THR C 199 22.38 5.21 20.08
C THR C 199 21.68 5.03 21.42
N VAL C 200 20.37 5.20 21.47
CA VAL C 200 19.65 5.08 22.73
C VAL C 200 19.44 3.63 23.14
N PHE C 201 19.60 2.68 22.21
CA PHE C 201 19.40 1.28 22.54
C PHE C 201 20.70 0.53 22.81
N ARG C 202 21.82 0.97 22.23
CA ARG C 202 23.08 0.27 22.46
C ARG C 202 23.65 0.58 23.84
N SER C 203 23.25 1.67 24.46
CA SER C 203 23.77 2.03 25.77
C SER C 203 23.20 1.11 26.85
N SER C 204 23.96 0.96 27.93
CA SER C 204 23.54 0.13 29.04
C SER C 204 22.29 0.69 29.69
N ARG C 205 21.48 -0.20 30.27
CA ARG C 205 20.20 0.21 30.84
C ARG C 205 20.39 1.19 31.99
N GLU C 206 21.45 0.99 32.78
CA GLU C 206 21.71 1.91 33.89
C GLU C 206 22.02 3.31 33.39
N LYS C 207 22.82 3.41 32.32
CA LYS C 207 23.15 4.72 31.77
C LYS C 207 21.95 5.36 31.10
N ARG C 208 21.03 4.54 30.57
CA ARG C 208 19.80 5.05 29.97
C ARG C 208 18.96 5.78 31.01
N ARG C 209 18.82 7.08 30.87
CA ARG C 209 18.06 7.90 31.80
C ARG C 209 16.57 7.84 31.47
N SER C 210 15.77 8.49 32.32
CA SER C 210 14.33 8.49 32.10
C SER C 210 13.95 9.28 30.86
N ALA C 211 14.79 10.23 30.44
CA ALA C 211 14.52 10.97 29.21
C ALA C 211 14.81 10.14 27.96
N ASP C 212 15.59 9.07 28.10
CA ASP C 212 15.97 8.29 26.92
C ASP C 212 14.77 7.57 26.32
N ILE C 213 13.83 7.12 27.15
CA ILE C 213 12.64 6.46 26.61
C ILE C 213 11.82 7.46 25.80
N PHE C 214 11.75 8.70 26.26
CA PHE C 214 11.07 9.74 25.48
C PHE C 214 11.79 10.01 24.17
N ILE C 215 13.13 10.05 24.21
CA ILE C 215 13.90 10.24 22.99
C ILE C 215 13.60 9.13 22.00
N ALA C 216 13.60 7.89 22.49
CA ALA C 216 13.36 6.73 21.63
C ALA C 216 11.94 6.72 21.08
N SER C 217 10.96 7.11 21.90
CA SER C 217 9.58 7.15 21.43
C SER C 217 9.39 8.22 20.37
N LEU C 218 10.02 9.38 20.55
CA LEU C 218 9.96 10.41 19.51
C LEU C 218 10.62 9.92 18.23
N ALA C 219 11.76 9.23 18.36
CA ALA C 219 12.42 8.66 17.19
C ALA C 219 11.54 7.62 16.50
N VAL C 220 10.83 6.80 17.28
CA VAL C 220 9.95 5.80 16.70
C VAL C 220 8.80 6.46 15.95
N ALA C 221 8.22 7.51 16.52
CA ALA C 221 7.17 8.24 15.83
C ALA C 221 7.67 8.83 14.51
N ASP C 222 8.86 9.44 14.55
CA ASP C 222 9.43 10.01 13.33
C ASP C 222 9.71 8.92 12.30
N LEU C 223 10.21 7.77 12.74
CA LEU C 223 10.49 6.67 11.82
C LEU C 223 9.21 6.16 11.18
N THR C 224 8.16 6.00 11.98
CA THR C 224 6.88 5.52 11.44
C THR C 224 6.32 6.50 10.43
N PHE C 225 6.50 7.80 10.68
CA PHE C 225 6.02 8.80 9.72
C PHE C 225 6.83 8.78 8.43
N VAL C 226 8.16 8.79 8.53
CA VAL C 226 8.97 8.82 7.32
C VAL C 226 8.90 7.49 6.57
N VAL C 227 8.41 6.42 7.21
CA VAL C 227 8.15 5.20 6.46
C VAL C 227 7.07 5.45 5.41
N THR C 228 6.02 6.18 5.77
CA THR C 228 4.96 6.52 4.84
C THR C 228 5.28 7.76 3.99
N LEU C 229 6.32 8.50 4.36
CA LEU C 229 6.71 9.67 3.58
C LEU C 229 6.88 9.42 2.08
N PRO C 230 7.48 8.31 1.61
CA PRO C 230 7.50 8.07 0.16
C PRO C 230 6.12 7.99 -0.46
N LEU C 231 5.13 7.46 0.27
CA LEU C 231 3.77 7.40 -0.24
C LEU C 231 3.22 8.80 -0.46
N TRP C 232 3.45 9.72 0.49
CA TRP C 232 2.98 11.08 0.33
C TRP C 232 3.76 11.82 -0.75
N ALA C 233 5.05 11.50 -0.91
CA ALA C 233 5.83 12.08 -2.00
C ALA C 233 5.27 11.66 -3.35
N THR C 234 4.92 10.39 -3.51
CA THR C 234 4.29 9.94 -4.74
C THR C 234 2.92 10.58 -4.91
N TYR C 235 2.18 10.74 -3.81
CA TYR C 235 0.88 11.40 -3.85
C TYR C 235 1.00 12.82 -4.41
N THR C 236 1.93 13.61 -3.87
CA THR C 236 2.08 14.99 -4.31
C THR C 236 2.74 15.09 -5.67
N TYR C 237 3.54 14.09 -6.05
CA TYR C 237 4.19 14.12 -7.36
C TYR C 237 3.19 13.94 -8.49
N ARG C 238 2.15 13.14 -8.25
CA ARG C 238 1.13 12.86 -9.27
C ARG C 238 -0.04 13.83 -9.22
N ASP C 239 0.21 15.07 -8.80
CA ASP C 239 -0.83 16.10 -8.68
C ASP C 239 -1.96 15.62 -7.77
N TYR C 240 -1.57 15.10 -6.60
CA TYR C 240 -2.50 14.61 -5.58
C TYR C 240 -3.35 13.46 -6.13
N ASP C 241 -2.66 12.40 -6.54
CA ASP C 241 -3.26 11.13 -6.90
C ASP C 241 -2.67 10.05 -6.00
N TRP C 242 -3.53 9.17 -5.49
CA TRP C 242 -3.16 8.21 -4.45
C TRP C 242 -3.36 6.78 -4.94
N PRO C 243 -2.33 6.17 -5.56
CA PRO C 243 -2.44 4.80 -6.06
C PRO C 243 -2.02 3.74 -5.03
N PHE C 244 -2.58 3.82 -3.83
CA PHE C 244 -2.21 2.90 -2.76
C PHE C 244 -3.38 2.25 -2.05
N GLY C 245 -4.60 2.72 -2.26
CA GLY C 245 -5.77 2.09 -1.67
C GLY C 245 -6.27 2.82 -0.44
N THR C 246 -7.49 2.46 -0.03
CA THR C 246 -8.11 3.09 1.11
C THR C 246 -7.37 2.75 2.40
N PHE C 247 -6.94 1.51 2.56
CA PHE C 247 -6.29 1.11 3.80
C PHE C 247 -4.99 1.86 4.04
N PHE C 248 -4.19 2.04 2.98
CA PHE C 248 -2.92 2.73 3.17
C PHE C 248 -3.11 4.23 3.32
N CYS C 249 -4.14 4.82 2.70
CA CYS C 249 -4.51 6.20 3.01
C CYS C 249 -4.87 6.36 4.48
N LYS C 250 -5.70 5.45 4.99
CA LYS C 250 -6.06 5.49 6.41
C LYS C 250 -4.83 5.34 7.29
N LEU C 251 -3.98 4.37 6.98
CA LEU C 251 -2.81 4.11 7.80
C LEU C 251 -1.83 5.28 7.77
N SER C 252 -1.62 5.87 6.59
CA SER C 252 -0.68 6.98 6.48
C SER C 252 -1.18 8.21 7.22
N SER C 253 -2.46 8.56 7.05
CA SER C 253 -3.00 9.70 7.78
C SER C 253 -2.98 9.44 9.28
N TYR C 254 -3.35 8.22 9.68
CA TYR C 254 -3.26 7.82 11.07
C TYR C 254 -1.85 7.98 11.60
N LEU C 255 -0.85 7.66 10.79
CA LEU C 255 0.53 7.74 11.24
C LEU C 255 1.03 9.18 11.31
N ILE C 256 0.59 10.06 10.41
CA ILE C 256 0.92 11.47 10.57
C ILE C 256 0.36 11.99 11.89
N PHE C 257 -0.92 11.67 12.16
CA PHE C 257 -1.52 12.20 13.39
C PHE C 257 -0.91 11.56 14.63
N VAL C 258 -0.59 10.26 14.56
CA VAL C 258 0.07 9.59 15.67
C VAL C 258 1.44 10.19 15.91
N ASN C 259 2.18 10.52 14.84
CA ASN C 259 3.45 11.21 14.99
C ASN C 259 3.25 12.54 15.68
N MET C 260 2.24 13.31 15.27
CA MET C 260 2.01 14.62 15.87
C MET C 260 1.74 14.50 17.36
N TYR C 261 0.76 13.66 17.73
CA TYR C 261 0.39 13.55 19.13
C TYR C 261 1.51 12.92 19.95
N ALA C 262 2.14 11.86 19.45
CA ALA C 262 3.21 11.21 20.19
C ALA C 262 4.40 12.13 20.38
N SER C 263 4.76 12.90 19.35
CA SER C 263 5.87 13.83 19.45
C SER C 263 5.56 14.94 20.46
N VAL C 264 4.36 15.53 20.38
CA VAL C 264 4.05 16.61 21.30
C VAL C 264 3.94 16.09 22.72
N PHE C 265 3.42 14.87 22.90
CA PHE C 265 3.32 14.28 24.23
C PHE C 265 4.69 13.90 24.77
N CYS C 266 5.60 13.45 23.91
CA CYS C 266 6.95 13.14 24.36
C CYS C 266 7.71 14.41 24.74
N LEU C 267 7.53 15.49 23.98
CA LEU C 267 8.13 16.75 24.36
C LEU C 267 7.55 17.26 25.67
N THR C 268 6.23 17.09 25.86
CA THR C 268 5.61 17.45 27.13
C THR C 268 6.17 16.62 28.26
N GLY C 269 6.38 15.33 28.04
CA GLY C 269 6.96 14.48 29.06
C GLY C 269 8.38 14.88 29.42
N LEU C 270 9.18 15.21 28.41
CA LEU C 270 10.55 15.66 28.68
C LEU C 270 10.55 16.97 29.45
N SER C 271 9.68 17.91 29.06
CA SER C 271 9.61 19.20 29.75
C SER C 271 9.13 19.02 31.18
N PHE C 272 8.18 18.12 31.40
CA PHE C 272 7.70 17.87 32.77
C PHE C 272 8.76 17.16 33.59
N ASP C 273 9.51 16.24 32.98
CA ASP C 273 10.62 15.60 33.69
C ASP C 273 11.65 16.62 34.10
N ARG C 274 11.95 17.58 33.23
CA ARG C 274 12.85 18.67 33.62
C ARG C 274 12.23 19.49 34.74
N TYR C 275 10.99 19.94 34.57
CA TYR C 275 10.32 20.75 35.59
C TYR C 275 10.37 20.05 36.95
N LEU C 276 10.33 18.72 36.95
CA LEU C 276 10.59 17.99 38.17
C LEU C 276 12.04 18.13 38.60
N ALA C 277 12.97 17.94 37.66
CA ALA C 277 14.39 17.87 38.01
C ALA C 277 14.91 19.17 38.60
N ILE C 278 14.72 20.30 37.90
CA ILE C 278 15.27 21.57 38.37
C ILE C 278 14.40 22.22 39.43
N VAL C 279 13.11 22.36 39.18
CA VAL C 279 12.27 23.16 40.07
C VAL C 279 12.16 22.50 41.45
N ARG C 280 11.82 21.21 41.48
CA ARG C 280 11.63 20.48 42.74
C ARG C 280 12.28 19.10 42.64
N PRO C 281 13.60 19.03 42.81
CA PRO C 281 14.28 17.72 42.68
C PRO C 281 13.78 16.67 43.67
N VAL C 282 13.42 17.07 44.89
CA VAL C 282 12.86 16.11 45.84
C VAL C 282 11.53 15.58 45.33
N ALA C 283 10.65 16.49 44.87
CA ALA C 283 9.42 16.05 44.23
C ALA C 283 9.70 15.28 42.96
N ASN C 284 10.80 15.58 42.28
CA ASN C 284 11.19 14.80 41.11
C ASN C 284 11.43 13.34 41.48
N ALA C 285 12.21 13.11 42.53
CA ALA C 285 12.45 11.74 42.98
C ALA C 285 11.16 11.08 43.45
N ARG C 286 10.32 11.84 44.16
CA ARG C 286 9.05 11.28 44.63
C ARG C 286 8.17 10.83 43.47
N LEU C 287 8.07 11.67 42.42
CA LEU C 287 7.23 11.32 41.29
C LEU C 287 7.86 10.21 40.44
N ARG C 288 9.19 10.15 40.39
CA ARG C 288 9.84 9.02 39.72
C ARG C 288 9.52 7.71 40.44
N LEU C 289 9.54 7.74 41.77
CA LEU C 289 9.16 6.55 42.54
C LEU C 289 7.69 6.20 42.33
N ARG C 290 6.81 7.21 42.34
CA ARG C 290 5.39 6.94 42.19
C ARG C 290 5.05 6.48 40.78
N VAL C 291 5.53 7.19 39.77
CA VAL C 291 5.20 6.93 38.37
C VAL C 291 6.47 6.54 37.63
N SER C 292 6.45 5.36 37.00
CA SER C 292 7.57 4.91 36.21
C SER C 292 7.46 5.44 34.77
N GLY C 293 8.60 5.47 34.09
CA GLY C 293 8.62 5.98 32.72
C GLY C 293 7.85 5.10 31.75
N ALA C 294 7.90 3.79 31.96
CA ALA C 294 7.23 2.87 31.04
C ALA C 294 5.72 3.09 31.03
N VAL C 295 5.13 3.28 32.21
CA VAL C 295 3.69 3.53 32.29
C VAL C 295 3.35 4.84 31.58
N ALA C 296 4.17 5.87 31.78
CA ALA C 296 3.93 7.15 31.12
C ALA C 296 3.99 7.00 29.60
N THR C 297 4.98 6.27 29.09
CA THR C 297 5.09 6.08 27.65
C THR C 297 3.92 5.27 27.11
N ALA C 298 3.49 4.24 27.83
CA ALA C 298 2.36 3.44 27.39
C ALA C 298 1.08 4.28 27.32
N VAL C 299 0.84 5.09 28.36
CA VAL C 299 -0.34 5.95 28.35
C VAL C 299 -0.23 6.98 27.23
N LEU C 300 0.96 7.51 27.01
CA LEU C 300 1.20 8.45 25.92
C LEU C 300 0.80 7.85 24.58
N TRP C 301 1.28 6.64 24.30
CA TRP C 301 1.01 6.02 23.01
C TRP C 301 -0.44 5.59 22.89
N VAL C 302 -1.06 5.13 23.98
CA VAL C 302 -2.47 4.77 23.92
C VAL C 302 -3.33 5.99 23.64
N LEU C 303 -3.03 7.12 24.29
CA LEU C 303 -3.75 8.35 24.03
C LEU C 303 -3.53 8.82 22.59
N ALA C 304 -2.30 8.72 22.09
CA ALA C 304 -2.03 9.11 20.71
C ALA C 304 -2.83 8.26 19.74
N ALA C 305 -2.85 6.94 19.96
CA ALA C 305 -3.61 6.04 19.10
C ALA C 305 -5.10 6.37 19.14
N LEU C 306 -5.65 6.56 20.34
CA LEU C 306 -7.08 6.84 20.44
C LEU C 306 -7.44 8.18 19.84
N LEU C 307 -6.59 9.19 20.01
CA LEU C 307 -6.89 10.52 19.50
C LEU C 307 -6.73 10.60 17.99
N ALA C 308 -5.82 9.82 17.42
CA ALA C 308 -5.70 9.73 15.97
C ALA C 308 -6.65 8.72 15.35
N MET C 309 -7.33 7.93 16.18
CA MET C 309 -8.30 6.97 15.65
C MET C 309 -9.38 7.59 14.77
N PRO C 310 -9.94 8.77 15.07
CA PRO C 310 -10.92 9.35 14.13
C PRO C 310 -10.36 9.54 12.73
N VAL C 311 -9.07 9.88 12.62
CA VAL C 311 -8.46 10.02 11.30
C VAL C 311 -8.49 8.70 10.55
N MET C 312 -8.15 7.61 11.23
CA MET C 312 -8.16 6.30 10.59
C MET C 312 -9.59 5.88 10.23
N VAL C 313 -10.55 6.13 11.12
CA VAL C 313 -11.91 5.66 10.90
C VAL C 313 -12.56 6.42 9.73
N LEU C 314 -12.44 7.74 9.73
CA LEU C 314 -13.19 8.57 8.79
C LEU C 314 -12.45 8.85 7.49
N ARG C 315 -11.19 8.46 7.38
CA ARG C 315 -10.44 8.69 6.14
C ARG C 315 -10.93 7.76 5.04
N THR C 316 -10.76 8.22 3.80
CA THR C 316 -11.13 7.41 2.65
C THR C 316 -10.42 7.95 1.42
N THR C 317 -10.52 7.20 0.33
CA THR C 317 -9.96 7.58 -0.96
C THR C 317 -11.09 7.76 -1.96
N GLY C 318 -11.09 8.89 -2.64
CA GLY C 318 -12.14 9.16 -3.62
C GLY C 318 -11.66 10.16 -4.65
N ASP C 319 -12.23 10.04 -5.86
CA ASP C 319 -11.88 10.93 -6.96
C ASP C 319 -12.72 12.20 -6.85
N LEU C 320 -12.40 12.99 -5.81
CA LEU C 320 -13.06 14.29 -5.68
C LEU C 320 -12.70 15.16 -6.87
N GLU C 321 -13.63 16.06 -7.22
CA GLU C 321 -13.54 16.96 -8.37
C GLU C 321 -13.60 16.21 -9.69
N ASN C 322 -13.77 14.89 -9.68
CA ASN C 322 -13.94 14.09 -10.89
C ASN C 322 -12.82 14.33 -11.90
N THR C 323 -11.58 14.31 -11.39
CA THR C 323 -10.40 14.55 -12.21
C THR C 323 -9.60 13.27 -12.44
N THR C 324 -10.23 12.11 -12.26
CA THR C 324 -9.56 10.81 -12.42
C THR C 324 -8.31 10.72 -11.55
N LYS C 325 -8.40 11.26 -10.34
CA LYS C 325 -7.29 11.28 -9.40
C LYS C 325 -7.81 10.95 -8.02
N VAL C 326 -7.32 9.86 -7.43
CA VAL C 326 -7.73 9.47 -6.09
C VAL C 326 -7.08 10.40 -5.09
N GLN C 327 -7.90 11.00 -4.21
CA GLN C 327 -7.42 11.93 -3.21
C GLN C 327 -7.79 11.44 -1.82
N CYS C 328 -6.80 11.37 -0.94
CA CYS C 328 -6.92 10.79 0.40
C CYS C 328 -7.55 11.84 1.30
N TYR C 329 -8.87 11.81 1.41
CA TYR C 329 -9.64 12.77 2.18
C TYR C 329 -10.35 12.08 3.34
N MET C 330 -11.10 12.85 4.12
CA MET C 330 -11.78 12.36 5.31
C MET C 330 -13.28 12.47 5.12
N ASP C 331 -13.98 11.36 5.30
CA ASP C 331 -15.42 11.29 5.06
C ASP C 331 -16.15 11.41 6.38
N TYR C 332 -17.05 12.40 6.46
CA TYR C 332 -17.86 12.64 7.64
C TYR C 332 -19.25 12.03 7.53
N SER C 333 -19.56 11.35 6.43
CA SER C 333 -20.91 10.82 6.24
C SER C 333 -21.19 9.66 7.17
N MET C 334 -20.15 8.96 7.64
CA MET C 334 -20.36 7.83 8.53
C MET C 334 -20.96 8.26 9.86
N VAL C 335 -20.53 9.42 10.37
CA VAL C 335 -20.93 9.87 11.70
C VAL C 335 -21.75 11.17 11.66
N ALA C 336 -21.83 11.85 10.53
CA ALA C 336 -22.53 13.13 10.48
C ALA C 336 -23.14 13.32 9.10
N THR C 337 -24.14 14.19 9.04
CA THR C 337 -24.81 14.51 7.79
C THR C 337 -24.06 15.66 7.11
N VAL C 338 -24.63 16.16 6.00
CA VAL C 338 -24.02 17.29 5.31
C VAL C 338 -24.06 18.54 6.19
N SER C 339 -25.20 18.78 6.85
CA SER C 339 -25.34 19.93 7.73
C SER C 339 -24.52 19.81 9.01
N SER C 340 -24.00 18.64 9.32
CA SER C 340 -23.13 18.45 10.47
C SER C 340 -21.71 18.08 10.07
N GLU C 341 -21.44 17.94 8.77
CA GLU C 341 -20.07 17.68 8.31
C GLU C 341 -19.15 18.81 8.70
N TRP C 342 -19.59 20.06 8.53
CA TRP C 342 -18.79 21.19 8.96
C TRP C 342 -18.56 21.16 10.46
N ALA C 343 -19.57 20.79 11.23
CA ALA C 343 -19.42 20.73 12.68
C ALA C 343 -18.38 19.71 13.08
N TRP C 344 -18.43 18.51 12.49
CA TRP C 344 -17.44 17.49 12.82
C TRP C 344 -16.06 17.89 12.35
N GLU C 345 -15.95 18.52 11.18
CA GLU C 345 -14.64 18.94 10.69
C GLU C 345 -14.02 19.98 11.62
N VAL C 346 -14.79 20.99 11.99
CA VAL C 346 -14.27 22.03 12.88
C VAL C 346 -13.96 21.45 14.25
N GLY C 347 -14.80 20.55 14.75
CA GLY C 347 -14.54 19.94 16.04
C GLY C 347 -13.26 19.13 16.05
N LEU C 348 -13.05 18.30 15.02
CA LEU C 348 -11.83 17.51 14.94
C LEU C 348 -10.60 18.39 14.77
N GLY C 349 -10.70 19.44 13.94
CA GLY C 349 -9.57 20.34 13.78
C GLY C 349 -9.23 21.08 15.06
N VAL C 350 -10.23 21.57 15.76
CA VAL C 350 -10.00 22.30 17.01
C VAL C 350 -9.45 21.34 18.08
N SER C 351 -9.97 20.12 18.15
CA SER C 351 -9.48 19.16 19.13
C SER C 351 -8.03 18.78 18.84
N SER C 352 -7.69 18.56 17.57
CA SER C 352 -6.31 18.25 17.21
C SER C 352 -5.41 19.42 17.55
N THR C 353 -5.82 20.65 17.19
CA THR C 353 -5.02 21.82 17.52
C THR C 353 -4.82 21.94 19.02
N THR C 354 -5.88 21.76 19.81
CA THR C 354 -5.79 21.84 21.25
C THR C 354 -4.79 20.80 21.78
N VAL C 355 -5.11 19.51 21.65
CA VAL C 355 -4.29 18.48 22.28
C VAL C 355 -2.99 18.23 21.55
N GLY C 356 -2.66 19.00 20.52
CA GLY C 356 -1.36 18.87 19.91
C GLY C 356 -0.50 20.12 19.92
N PHE C 357 -1.09 21.28 20.17
CA PHE C 357 -0.30 22.51 20.20
C PHE C 357 -0.68 23.51 21.29
N VAL C 358 -1.79 23.33 22.01
CA VAL C 358 -2.20 24.36 22.98
C VAL C 358 -2.06 23.80 24.39
N VAL C 359 -2.83 22.76 24.71
CA VAL C 359 -2.76 22.18 26.05
C VAL C 359 -1.38 21.58 26.33
N PRO C 360 -0.82 20.73 25.48
CA PRO C 360 0.57 20.29 25.74
C PRO C 360 1.54 21.45 25.79
N PHE C 361 1.38 22.43 24.91
CA PHE C 361 2.27 23.56 24.92
C PHE C 361 2.01 24.48 26.10
N THR C 362 0.76 24.62 26.57
CA THR C 362 0.53 25.37 27.78
C THR C 362 1.22 24.70 28.97
N ILE C 363 1.16 23.37 29.03
CA ILE C 363 1.86 22.63 30.08
C ILE C 363 3.35 22.91 29.99
N MET C 364 3.90 22.85 28.77
CA MET C 364 5.34 23.10 28.60
C MET C 364 5.72 24.52 28.95
N LEU C 365 4.92 25.52 28.59
CA LEU C 365 5.28 26.90 28.94
C LEU C 365 5.20 27.13 30.44
N THR C 366 4.21 26.53 31.12
CA THR C 366 4.18 26.66 32.58
C THR C 366 5.41 26.00 33.21
N CYS C 367 5.75 24.80 32.74
CA CYS C 367 6.93 24.11 33.26
C CYS C 367 8.20 24.92 32.99
N TYR C 368 8.30 25.51 31.80
CA TYR C 368 9.50 26.28 31.45
C TYR C 368 9.56 27.60 32.18
N PHE C 369 8.42 28.20 32.50
CA PHE C 369 8.44 29.43 33.30
C PHE C 369 8.91 29.15 34.72
N PHE C 370 8.40 28.08 35.33
CA PHE C 370 8.93 27.70 36.65
C PHE C 370 10.40 27.30 36.55
N ILE C 371 10.78 26.65 35.44
CA ILE C 371 12.17 26.27 35.22
C ILE C 371 13.05 27.51 35.12
N ALA C 372 12.56 28.56 34.46
CA ALA C 372 13.33 29.79 34.32
C ALA C 372 13.46 30.50 35.66
N GLN C 373 12.41 30.48 36.48
CA GLN C 373 12.52 31.04 37.82
C GLN C 373 13.57 30.29 38.63
N THR C 374 13.55 28.95 38.56
CA THR C 374 14.57 28.17 39.24
C THR C 374 15.96 28.38 38.62
N ILE C 375 16.01 28.70 37.34
CA ILE C 375 17.28 28.97 36.67
C ILE C 375 17.88 30.27 37.15
N ALA C 376 17.05 31.30 37.37
CA ALA C 376 17.54 32.51 38.03
C ALA C 376 18.00 32.19 39.44
N GLY C 377 17.25 31.36 40.16
CA GLY C 377 17.68 30.94 41.49
C GLY C 377 19.05 30.26 41.47
N HIS C 378 19.29 29.42 40.46
CA HIS C 378 20.59 28.77 40.32
C HIS C 378 21.65 29.72 39.79
N PHE C 379 21.24 30.81 39.13
CA PHE C 379 22.16 31.91 38.89
C PHE C 379 22.59 32.52 40.20
N ARG C 380 21.75 32.42 41.23
CA ARG C 380 22.11 32.87 42.57
C ARG C 380 22.38 31.74 43.56
N LYS C 381 22.42 30.49 43.10
CA LYS C 381 22.59 29.37 44.02
C LYS C 381 23.10 28.15 43.24
N GLU C 382 23.00 26.97 43.86
CA GLU C 382 23.21 25.67 43.22
C GLU C 382 24.68 25.39 42.90
N ARG C 383 24.93 24.35 42.11
CA ARG C 383 26.26 23.81 41.86
C ARG C 383 26.57 23.88 40.37
N ILE C 384 27.84 24.20 40.06
CA ILE C 384 28.23 24.49 38.68
C ILE C 384 28.14 23.24 37.81
N GLU C 385 28.60 22.09 38.30
CA GLU C 385 28.65 20.89 37.47
C GLU C 385 27.26 20.34 37.18
N GLY C 386 26.42 20.25 38.21
CA GLY C 386 25.03 19.87 37.97
C GLY C 386 24.32 20.87 37.08
N LEU C 387 24.64 22.15 37.23
CA LEU C 387 24.08 23.17 36.34
C LEU C 387 24.54 22.95 34.91
N ARG C 388 25.76 22.46 34.70
CA ARG C 388 26.24 22.21 33.34
C ARG C 388 25.55 21.01 32.71
N LYS C 389 25.37 19.94 33.49
CA LYS C 389 24.62 18.78 32.99
C LYS C 389 23.18 19.18 32.64
N ARG C 390 22.55 19.93 33.54
CA ARG C 390 21.22 20.46 33.26
C ARG C 390 21.24 21.38 32.05
N ARG C 391 22.32 22.14 31.87
CA ARG C 391 22.44 23.00 30.69
C ARG C 391 22.40 22.18 29.42
N ARG C 392 23.19 21.12 29.36
CA ARG C 392 23.21 20.29 28.15
C ARG C 392 21.83 19.69 27.89
N LEU C 393 21.25 19.04 28.91
CA LEU C 393 19.99 18.34 28.70
C LEU C 393 18.86 19.31 28.37
N LEU C 394 18.71 20.36 29.16
CA LEU C 394 17.68 21.35 28.91
C LEU C 394 17.90 22.08 27.59
N SER C 395 19.15 22.24 27.17
CA SER C 395 19.41 22.90 25.89
C SER C 395 18.92 22.05 24.73
N ILE C 396 19.28 20.75 24.73
CA ILE C 396 18.80 19.91 23.64
C ILE C 396 17.28 19.80 23.68
N ILE C 397 16.71 19.70 24.87
CA ILE C 397 15.26 19.53 24.98
C ILE C 397 14.53 20.79 24.50
N VAL C 398 15.02 21.97 24.90
CA VAL C 398 14.36 23.21 24.50
C VAL C 398 14.58 23.49 23.03
N VAL C 399 15.71 23.07 22.47
CA VAL C 399 15.90 23.22 21.03
C VAL C 399 14.93 22.33 20.28
N LEU C 400 14.71 21.11 20.76
CA LEU C 400 13.71 20.24 20.16
C LEU C 400 12.31 20.87 20.25
N VAL C 401 11.98 21.43 21.42
CA VAL C 401 10.66 22.03 21.61
C VAL C 401 10.47 23.23 20.68
N VAL C 402 11.50 24.06 20.55
CA VAL C 402 11.40 25.24 19.70
C VAL C 402 11.31 24.84 18.23
N THR C 403 12.05 23.80 17.83
CA THR C 403 11.96 23.33 16.45
C THR C 403 10.57 22.77 16.16
N PHE C 404 9.99 22.03 17.10
CA PHE C 404 8.61 21.58 16.96
C PHE C 404 7.66 22.78 16.86
N ALA C 405 7.85 23.77 17.72
CA ALA C 405 7.00 24.95 17.78
C ALA C 405 7.17 25.86 16.57
N LEU C 406 8.24 25.69 15.80
CA LEU C 406 8.42 26.46 14.58
C LEU C 406 8.09 25.68 13.32
N CYS C 407 8.06 24.34 13.39
CA CYS C 407 7.68 23.55 12.23
C CYS C 407 6.20 23.24 12.20
N TRP C 408 5.55 23.06 13.36
CA TRP C 408 4.12 22.80 13.40
C TRP C 408 3.28 24.05 13.61
N MET C 409 3.89 25.18 13.99
CA MET C 409 3.12 26.40 14.14
C MET C 409 2.48 26.88 12.85
N PRO C 410 3.16 26.90 11.70
CA PRO C 410 2.45 27.26 10.46
C PRO C 410 1.26 26.37 10.18
N TYR C 411 1.38 25.06 10.41
CA TYR C 411 0.29 24.13 10.18
C TYR C 411 -0.94 24.52 10.99
N HIS C 412 -0.80 24.51 12.32
CA HIS C 412 -1.95 24.78 13.20
C HIS C 412 -2.47 26.20 13.01
N LEU C 413 -1.56 27.17 12.85
CA LEU C 413 -1.99 28.55 12.67
C LEU C 413 -2.82 28.71 11.41
N VAL C 414 -2.32 28.22 10.28
CA VAL C 414 -3.03 28.38 9.02
C VAL C 414 -4.36 27.63 9.05
N LYS C 415 -4.38 26.41 9.60
CA LYS C 415 -5.63 25.66 9.61
C LYS C 415 -6.65 26.29 10.56
N THR C 416 -6.20 26.81 11.71
CA THR C 416 -7.10 27.50 12.62
C THR C 416 -7.66 28.77 11.99
N LEU C 417 -6.81 29.51 11.25
CA LEU C 417 -7.30 30.68 10.54
C LEU C 417 -8.31 30.29 9.48
N TYR C 418 -8.08 29.18 8.78
CA TYR C 418 -9.03 28.73 7.78
C TYR C 418 -10.37 28.39 8.41
N MET C 419 -10.35 27.71 9.56
CA MET C 419 -11.61 27.43 10.25
C MET C 419 -12.29 28.72 10.69
N LEU C 420 -11.52 29.66 11.24
CA LEU C 420 -12.09 30.90 11.76
C LEU C 420 -12.58 31.82 10.65
N GLY C 421 -12.14 31.59 9.42
CA GLY C 421 -12.59 32.43 8.32
C GLY C 421 -14.09 32.38 8.10
N SER C 422 -14.70 31.21 8.34
CA SER C 422 -16.16 31.11 8.22
C SER C 422 -16.87 32.00 9.22
N LEU C 423 -16.26 32.23 10.38
CA LEU C 423 -16.86 33.10 11.39
C LEU C 423 -16.53 34.57 11.15
N LEU C 424 -15.32 34.86 10.68
CA LEU C 424 -14.89 36.24 10.48
C LEU C 424 -15.14 36.74 9.06
N HIS C 425 -15.53 35.86 8.14
CA HIS C 425 -15.84 36.24 6.75
C HIS C 425 -14.68 36.99 6.11
N TRP C 426 -13.55 36.30 6.00
CA TRP C 426 -12.34 36.89 5.46
C TRP C 426 -12.42 37.02 3.94
N PRO C 427 -11.65 37.94 3.36
CA PRO C 427 -11.64 38.08 1.90
C PRO C 427 -11.11 36.83 1.23
N CYS C 428 -11.55 36.62 -0.01
CA CYS C 428 -11.13 35.44 -0.77
C CYS C 428 -9.63 35.41 -0.98
N ASP C 429 -8.98 36.57 -1.02
CA ASP C 429 -7.54 36.61 -1.20
C ASP C 429 -6.82 35.92 -0.05
N PHE C 430 -7.23 36.22 1.19
CA PHE C 430 -6.58 35.60 2.34
C PHE C 430 -6.87 34.11 2.40
N ASP C 431 -8.10 33.70 2.08
CA ASP C 431 -8.42 32.28 2.08
C ASP C 431 -7.59 31.54 1.04
N LEU C 432 -7.45 32.11 -0.15
CA LEU C 432 -6.63 31.50 -1.17
C LEU C 432 -5.17 31.45 -0.76
N PHE C 433 -4.69 32.49 -0.08
CA PHE C 433 -3.31 32.49 0.39
C PHE C 433 -3.09 31.36 1.39
N LEU C 434 -4.01 31.18 2.33
CA LEU C 434 -3.89 30.10 3.29
C LEU C 434 -3.94 28.74 2.59
N MET C 435 -4.85 28.59 1.62
CA MET C 435 -4.98 27.32 0.90
C MET C 435 -3.70 26.98 0.15
N ASN C 436 -3.10 27.98 -0.52
CA ASN C 436 -1.90 27.74 -1.29
C ASN C 436 -0.65 27.59 -0.42
N ILE C 437 -0.64 28.19 0.77
CA ILE C 437 0.54 28.10 1.63
C ILE C 437 0.48 26.90 2.55
N PHE C 438 -0.68 26.27 2.72
CA PHE C 438 -0.76 25.09 3.58
C PHE C 438 0.15 23.95 3.16
N PRO C 439 0.33 23.61 1.88
CA PRO C 439 1.27 22.53 1.54
C PRO C 439 2.67 22.78 2.07
N TYR C 440 3.14 24.03 2.07
CA TYR C 440 4.48 24.29 2.56
C TYR C 440 4.55 24.19 4.08
N CYS C 441 3.47 24.58 4.77
CA CYS C 441 3.41 24.34 6.21
C CYS C 441 3.47 22.84 6.51
N THR C 442 2.78 22.04 5.70
CA THR C 442 2.90 20.60 5.79
C THR C 442 4.34 20.15 5.55
N CYS C 443 5.03 20.79 4.60
CA CYS C 443 6.43 20.47 4.34
C CYS C 443 7.29 20.69 5.58
N ILE C 444 7.13 21.83 6.23
CA ILE C 444 7.94 22.10 7.43
C ILE C 444 7.60 21.13 8.55
N SER C 445 6.30 20.86 8.74
CA SER C 445 5.89 19.92 9.77
C SER C 445 6.48 18.54 9.52
N TYR C 446 6.61 18.14 8.25
CA TYR C 446 7.20 16.86 7.93
C TYR C 446 8.72 16.89 8.04
N VAL C 447 9.33 18.04 7.75
CA VAL C 447 10.79 18.18 7.82
C VAL C 447 11.27 18.13 9.26
N ASN C 448 10.43 18.52 10.21
CA ASN C 448 10.81 18.46 11.63
C ASN C 448 11.33 17.09 12.02
N SER C 449 10.71 16.02 11.48
CA SER C 449 11.10 14.67 11.86
C SER C 449 12.56 14.38 11.49
N CYS C 450 12.98 14.76 10.29
CA CYS C 450 14.38 14.62 9.92
C CYS C 450 15.28 15.65 10.58
N LEU C 451 14.72 16.80 10.96
CA LEU C 451 15.52 17.81 11.63
C LEU C 451 15.95 17.37 13.02
N ASN C 452 15.15 16.53 13.66
CA ASN C 452 15.49 16.11 15.02
C ASN C 452 16.85 15.42 15.14
N PRO C 453 17.22 14.44 14.30
CA PRO C 453 18.55 13.83 14.47
C PRO C 453 19.72 14.80 14.32
N PHE C 454 19.64 15.74 13.39
CA PHE C 454 20.71 16.72 13.26
C PHE C 454 20.82 17.57 14.52
N LEU C 455 19.68 17.96 15.09
CA LEU C 455 19.69 18.70 16.34
C LEU C 455 20.31 17.86 17.45
N TYR C 456 20.02 16.55 17.46
CA TYR C 456 20.56 15.67 18.48
C TYR C 456 22.08 15.61 18.38
N ALA C 457 22.59 15.54 17.15
CA ALA C 457 24.03 15.49 16.93
C ALA C 457 24.71 16.82 17.27
N PHE C 458 24.06 17.93 16.95
CA PHE C 458 24.69 19.23 17.15
C PHE C 458 24.86 19.56 18.62
N PHE C 459 23.81 19.37 19.43
CA PHE C 459 23.81 19.81 20.81
C PHE C 459 24.12 18.69 21.80
N ASP C 460 23.40 17.58 21.71
CA ASP C 460 23.60 16.49 22.66
C ASP C 460 24.91 15.77 22.38
N PRO C 461 25.87 15.76 23.32
CA PRO C 461 27.11 15.03 23.06
C PRO C 461 26.93 13.52 23.01
N ARG C 462 25.88 12.99 23.64
CA ARG C 462 25.69 11.54 23.67
C ARG C 462 25.52 10.97 22.27
N PHE C 463 24.66 11.59 21.47
CA PHE C 463 24.56 11.18 20.07
C PHE C 463 25.78 11.59 19.28
N ARG C 464 26.41 12.71 19.65
CA ARG C 464 27.63 13.15 18.99
C ARG C 464 28.76 12.15 19.22
N GLN C 465 28.88 11.61 20.43
CA GLN C 465 29.90 10.62 20.71
C GLN C 465 29.70 9.35 19.88
N ALA C 466 28.46 8.91 19.74
CA ALA C 466 28.15 7.73 18.95
C ALA C 466 28.34 7.99 17.46
N GLY D 175 -13.36 -20.82 -0.35
CA GLY D 175 -13.69 -19.41 -0.42
C GLY D 175 -12.98 -18.56 0.61
N ALA D 176 -13.45 -18.60 1.85
CA ALA D 176 -12.86 -17.84 2.94
C ALA D 176 -11.81 -18.64 3.72
N LEU D 177 -11.56 -19.89 3.33
CA LEU D 177 -10.58 -20.71 4.06
C LEU D 177 -9.18 -20.19 3.85
N ILE D 178 -8.80 -19.91 2.60
CA ILE D 178 -7.45 -19.40 2.33
C ILE D 178 -7.20 -18.05 2.98
N PRO D 179 -8.08 -17.05 2.87
CA PRO D 179 -7.83 -15.79 3.61
C PRO D 179 -7.78 -15.96 5.11
N ALA D 180 -8.62 -16.84 5.67
CA ALA D 180 -8.61 -17.07 7.11
C ALA D 180 -7.29 -17.68 7.55
N ILE D 181 -6.79 -18.67 6.80
CA ILE D 181 -5.51 -19.26 7.13
C ILE D 181 -4.39 -18.25 6.94
N TYR D 182 -4.50 -17.38 5.92
CA TYR D 182 -3.50 -16.35 5.72
C TYR D 182 -3.44 -15.40 6.90
N MET D 183 -4.60 -14.99 7.41
CA MET D 183 -4.62 -14.08 8.57
C MET D 183 -4.12 -14.78 9.83
N LEU D 184 -4.49 -16.05 10.02
CA LEU D 184 -3.99 -16.79 11.16
C LEU D 184 -2.49 -16.93 11.12
N VAL D 185 -1.95 -17.23 9.94
CA VAL D 185 -0.50 -17.32 9.77
C VAL D 185 0.14 -15.96 9.97
N PHE D 186 -0.53 -14.88 9.53
CA PHE D 186 -0.02 -13.54 9.79
C PHE D 186 0.17 -13.32 11.29
N LEU D 187 -0.88 -13.57 12.07
CA LEU D 187 -0.80 -13.33 13.50
C LEU D 187 0.25 -14.23 14.16
N LEU D 188 0.16 -15.53 13.91
CA LEU D 188 1.06 -16.48 14.56
C LEU D 188 2.51 -16.24 14.14
N GLY D 189 2.75 -16.01 12.85
CA GLY D 189 4.10 -15.77 12.39
C GLY D 189 4.68 -14.47 12.92
N THR D 190 3.88 -13.39 12.93
CA THR D 190 4.37 -12.14 13.49
C THR D 190 4.77 -12.33 14.94
N THR D 191 3.88 -12.91 15.76
CA THR D 191 4.19 -13.10 17.17
C THR D 191 5.38 -14.03 17.36
N GLY D 192 5.38 -15.17 16.68
CA GLY D 192 6.44 -16.15 16.87
C GLY D 192 7.80 -15.67 16.41
N ASN D 193 7.84 -15.01 15.25
CA ASN D 193 9.11 -14.47 14.75
C ASN D 193 9.57 -13.30 15.61
N GLY D 194 8.64 -12.51 16.15
CA GLY D 194 9.04 -11.49 17.11
C GLY D 194 9.68 -12.09 18.35
N LEU D 195 9.10 -13.17 18.88
CA LEU D 195 9.69 -13.82 20.04
C LEU D 195 11.02 -14.49 19.69
N VAL D 196 11.14 -15.06 18.48
CA VAL D 196 12.40 -15.66 18.07
C VAL D 196 13.50 -14.61 17.97
N LEU D 197 13.18 -13.47 17.35
CA LEU D 197 14.14 -12.39 17.27
C LEU D 197 14.50 -11.85 18.64
N TRP D 198 13.51 -11.73 19.52
CA TRP D 198 13.77 -11.26 20.88
C TRP D 198 14.69 -12.22 21.63
N THR D 199 14.47 -13.53 21.46
CA THR D 199 15.29 -14.52 22.15
C THR D 199 16.71 -14.53 21.60
N VAL D 200 16.87 -14.49 20.28
CA VAL D 200 18.21 -14.54 19.71
C VAL D 200 18.96 -13.24 19.98
N PHE D 201 18.25 -12.12 20.07
CA PHE D 201 18.88 -10.82 20.23
C PHE D 201 18.92 -10.33 21.67
N ARG D 202 18.48 -11.14 22.63
CA ARG D 202 18.62 -10.77 24.04
C ARG D 202 19.80 -11.43 24.71
N SER D 203 20.29 -12.54 24.17
CA SER D 203 21.43 -13.24 24.77
C SER D 203 22.73 -12.51 24.46
N SER D 204 23.72 -12.72 25.32
CA SER D 204 25.02 -12.11 25.14
C SER D 204 25.71 -12.67 23.89
N ARG D 205 26.64 -11.89 23.34
CA ARG D 205 27.30 -12.28 22.11
C ARG D 205 28.12 -13.56 22.29
N GLU D 206 28.68 -13.77 23.49
CA GLU D 206 29.44 -14.99 23.74
C GLU D 206 28.53 -16.22 23.68
N LYS D 207 27.34 -16.14 24.26
CA LYS D 207 26.40 -17.24 24.23
C LYS D 207 25.70 -17.39 22.88
N ARG D 208 25.86 -16.42 21.99
CA ARG D 208 25.24 -16.49 20.67
C ARG D 208 26.11 -17.31 19.73
N ARG D 209 25.59 -18.46 19.31
CA ARG D 209 26.34 -19.37 18.44
C ARG D 209 26.39 -18.83 17.01
N SER D 210 27.24 -19.45 16.20
CA SER D 210 27.35 -19.05 14.80
C SER D 210 26.07 -19.33 14.02
N ALA D 211 25.23 -20.24 14.52
CA ALA D 211 23.95 -20.52 13.88
C ALA D 211 22.87 -19.51 14.24
N ASP D 212 23.10 -18.69 15.27
CA ASP D 212 22.09 -17.73 15.70
C ASP D 212 21.85 -16.65 14.65
N ILE D 213 22.88 -16.26 13.90
CA ILE D 213 22.68 -15.29 12.84
C ILE D 213 21.75 -15.86 11.77
N PHE D 214 21.92 -17.15 11.44
CA PHE D 214 21.02 -17.78 10.48
C PHE D 214 19.61 -17.90 11.04
N ILE D 215 19.49 -18.20 12.33
CA ILE D 215 18.17 -18.27 12.96
C ILE D 215 17.47 -16.92 12.86
N ALA D 216 18.21 -15.85 13.17
CA ALA D 216 17.64 -14.50 13.13
C ALA D 216 17.31 -14.08 11.71
N SER D 217 18.12 -14.50 10.73
CA SER D 217 17.82 -14.17 9.35
C SER D 217 16.57 -14.90 8.87
N LEU D 218 16.40 -16.16 9.27
CA LEU D 218 15.15 -16.86 8.99
C LEU D 218 13.96 -16.13 9.61
N ALA D 219 14.10 -15.70 10.87
CA ALA D 219 13.02 -14.97 11.51
C ALA D 219 12.72 -13.65 10.81
N VAL D 220 13.77 -12.95 10.37
CA VAL D 220 13.58 -11.69 9.67
C VAL D 220 12.86 -11.89 8.34
N ALA D 221 13.25 -12.91 7.59
CA ALA D 221 12.57 -13.21 6.33
C ALA D 221 11.11 -13.58 6.58
N ASP D 222 10.85 -14.39 7.61
CA ASP D 222 9.47 -14.76 7.92
C ASP D 222 8.65 -13.54 8.31
N LEU D 223 9.22 -12.63 9.10
CA LEU D 223 8.52 -11.40 9.45
C LEU D 223 8.26 -10.54 8.23
N THR D 224 9.26 -10.41 7.36
CA THR D 224 9.12 -9.58 6.17
C THR D 224 8.06 -10.14 5.22
N PHE D 225 7.82 -11.45 5.28
CA PHE D 225 6.75 -12.03 4.48
C PHE D 225 5.39 -11.89 5.18
N VAL D 226 5.32 -12.15 6.49
CA VAL D 226 4.04 -12.13 7.16
C VAL D 226 3.50 -10.71 7.32
N VAL D 227 4.36 -9.69 7.25
CA VAL D 227 3.82 -8.33 7.28
C VAL D 227 3.01 -8.05 6.01
N THR D 228 3.42 -8.60 4.87
CA THR D 228 2.65 -8.47 3.65
C THR D 228 1.56 -9.52 3.54
N LEU D 229 1.59 -10.54 4.38
CA LEU D 229 0.53 -11.55 4.39
C LEU D 229 -0.88 -10.99 4.49
N PRO D 230 -1.18 -9.97 5.31
CA PRO D 230 -2.54 -9.40 5.27
C PRO D 230 -2.93 -8.86 3.91
N LEU D 231 -1.99 -8.29 3.17
CA LEU D 231 -2.29 -7.82 1.82
C LEU D 231 -2.71 -8.96 0.91
N TRP D 232 -2.00 -10.10 0.99
CA TRP D 232 -2.37 -11.26 0.19
C TRP D 232 -3.69 -11.88 0.66
N ALA D 233 -3.95 -11.83 1.97
CA ALA D 233 -5.23 -12.31 2.48
C ALA D 233 -6.39 -11.47 1.94
N THR D 234 -6.22 -10.16 1.90
CA THR D 234 -7.22 -9.30 1.29
C THR D 234 -7.33 -9.58 -0.21
N TYR D 235 -6.20 -9.84 -0.86
CA TYR D 235 -6.19 -10.14 -2.29
C TYR D 235 -7.02 -11.38 -2.60
N THR D 236 -6.81 -12.45 -1.84
CA THR D 236 -7.56 -13.68 -2.09
C THR D 236 -8.99 -13.61 -1.55
N TYR D 237 -9.23 -12.76 -0.56
CA TYR D 237 -10.59 -12.59 -0.04
C TYR D 237 -11.50 -11.94 -1.08
N ARG D 238 -10.97 -10.95 -1.81
CA ARG D 238 -11.73 -10.22 -2.81
C ARG D 238 -11.73 -10.93 -4.16
N ASP D 239 -11.50 -12.24 -4.19
CA ASP D 239 -11.47 -13.04 -5.41
C ASP D 239 -10.39 -12.51 -6.37
N TYR D 240 -9.17 -12.43 -5.84
CA TYR D 240 -7.99 -12.00 -6.58
C TYR D 240 -8.17 -10.60 -7.15
N ASP D 241 -8.46 -9.67 -6.24
CA ASP D 241 -8.45 -8.24 -6.52
C ASP D 241 -7.41 -7.58 -5.62
N TRP D 242 -6.61 -6.69 -6.20
CA TRP D 242 -5.47 -6.10 -5.52
C TRP D 242 -5.66 -4.60 -5.39
N PRO D 243 -6.23 -4.12 -4.27
CA PRO D 243 -6.42 -2.68 -4.06
C PRO D 243 -5.25 -2.02 -3.34
N PHE D 244 -4.03 -2.26 -3.82
CA PHE D 244 -2.84 -1.74 -3.16
C PHE D 244 -1.84 -1.07 -4.08
N GLY D 245 -1.88 -1.32 -5.38
CA GLY D 245 -1.04 -0.59 -6.30
C GLY D 245 0.07 -1.45 -6.89
N THR D 246 0.63 -0.94 -7.99
CA THR D 246 1.71 -1.65 -8.66
C THR D 246 2.93 -1.78 -7.77
N PHE D 247 3.27 -0.71 -7.03
CA PHE D 247 4.43 -0.76 -6.17
C PHE D 247 4.27 -1.81 -5.07
N PHE D 248 3.08 -1.91 -4.50
CA PHE D 248 2.89 -2.88 -3.43
C PHE D 248 2.78 -4.30 -3.95
N CYS D 249 2.23 -4.49 -5.15
CA CYS D 249 2.33 -5.80 -5.79
C CYS D 249 3.78 -6.20 -5.99
N LYS D 250 4.59 -5.29 -6.54
CA LYS D 250 6.01 -5.56 -6.75
C LYS D 250 6.70 -5.89 -5.44
N LEU D 251 6.47 -5.08 -4.41
CA LEU D 251 7.13 -5.29 -3.13
C LEU D 251 6.70 -6.59 -2.48
N SER D 252 5.41 -6.91 -2.49
CA SER D 252 4.94 -8.13 -1.85
C SER D 252 5.48 -9.37 -2.56
N SER D 253 5.44 -9.39 -3.89
CA SER D 253 5.99 -10.53 -4.62
C SER D 253 7.49 -10.64 -4.40
N TYR D 254 8.19 -9.50 -4.44
CA TYR D 254 9.59 -9.44 -4.07
C TYR D 254 9.83 -10.07 -2.71
N LEU D 255 8.97 -9.79 -1.75
CA LEU D 255 9.21 -10.28 -0.40
C LEU D 255 8.89 -11.75 -0.25
N ILE D 256 7.90 -12.27 -0.98
CA ILE D 256 7.72 -13.73 -1.00
C ILE D 256 8.94 -14.42 -1.56
N PHE D 257 9.44 -13.93 -2.70
CA PHE D 257 10.59 -14.58 -3.31
C PHE D 257 11.84 -14.41 -2.44
N VAL D 258 12.03 -13.23 -1.85
CA VAL D 258 13.16 -12.99 -0.96
C VAL D 258 13.07 -13.91 0.25
N ASN D 259 11.87 -14.11 0.80
CA ASN D 259 11.69 -15.07 1.88
C ASN D 259 12.11 -16.46 1.43
N MET D 260 11.69 -16.87 0.23
CA MET D 260 12.04 -18.20 -0.25
C MET D 260 13.55 -18.38 -0.36
N TYR D 261 14.22 -17.49 -1.10
CA TYR D 261 15.65 -17.66 -1.28
C TYR D 261 16.42 -17.47 0.03
N ALA D 262 16.07 -16.45 0.82
CA ALA D 262 16.78 -16.22 2.07
C ALA D 262 16.60 -17.37 3.04
N SER D 263 15.38 -17.92 3.14
CA SER D 263 15.14 -19.04 4.04
C SER D 263 15.90 -20.27 3.60
N VAL D 264 15.86 -20.58 2.30
CA VAL D 264 16.54 -21.80 1.87
C VAL D 264 18.06 -21.62 1.95
N PHE D 265 18.56 -20.42 1.68
CA PHE D 265 19.98 -20.17 1.81
C PHE D 265 20.42 -20.22 3.27
N CYS D 266 19.56 -19.75 4.19
CA CYS D 266 19.88 -19.84 5.62
C CYS D 266 19.87 -21.28 6.08
N LEU D 267 18.93 -22.09 5.58
CA LEU D 267 18.95 -23.51 5.91
C LEU D 267 20.19 -24.18 5.33
N THR D 268 20.59 -23.79 4.13
CA THR D 268 21.84 -24.30 3.54
C THR D 268 23.02 -23.93 4.42
N GLY D 269 23.06 -22.69 4.91
CA GLY D 269 24.14 -22.27 5.78
C GLY D 269 24.16 -23.03 7.10
N LEU D 270 22.99 -23.26 7.68
CA LEU D 270 22.92 -24.01 8.93
C LEU D 270 23.40 -25.44 8.73
N SER D 271 22.95 -26.07 7.64
CA SER D 271 23.37 -27.44 7.34
C SER D 271 24.86 -27.51 7.05
N PHE D 272 25.40 -26.53 6.31
CA PHE D 272 26.83 -26.52 6.03
C PHE D 272 27.63 -26.29 7.31
N ASP D 273 27.14 -25.42 8.19
CA ASP D 273 27.83 -25.19 9.46
C ASP D 273 27.86 -26.47 10.30
N ARG D 274 26.73 -27.18 10.36
CA ARG D 274 26.69 -28.42 11.11
C ARG D 274 27.56 -29.49 10.46
N TYR D 275 27.58 -29.53 9.12
CA TYR D 275 28.45 -30.46 8.42
C TYR D 275 29.91 -30.20 8.74
N LEU D 276 30.30 -28.93 8.75
CA LEU D 276 31.65 -28.57 9.16
C LEU D 276 31.91 -28.99 10.60
N ALA D 277 30.97 -28.73 11.50
CA ALA D 277 31.17 -29.00 12.91
C ALA D 277 31.18 -30.49 13.23
N ILE D 278 30.64 -31.33 12.34
CA ILE D 278 30.54 -32.76 12.62
C ILE D 278 31.67 -33.52 11.92
N VAL D 279 31.72 -33.45 10.59
CA VAL D 279 32.64 -34.31 9.86
C VAL D 279 34.09 -33.88 10.07
N ARG D 280 34.35 -32.57 10.07
CA ARG D 280 35.70 -32.03 10.23
C ARG D 280 35.66 -30.80 11.13
N PRO D 281 35.54 -30.99 12.44
CA PRO D 281 35.45 -29.83 13.34
C PRO D 281 36.66 -28.90 13.27
N VAL D 282 37.85 -29.44 13.05
CA VAL D 282 39.03 -28.59 12.87
C VAL D 282 38.86 -27.74 11.62
N ALA D 283 38.42 -28.37 10.53
CA ALA D 283 38.11 -27.60 9.32
C ALA D 283 36.93 -26.65 9.56
N ASN D 284 36.02 -27.00 10.47
CA ASN D 284 34.95 -26.08 10.82
C ASN D 284 35.52 -24.80 11.43
N ALA D 285 36.44 -24.95 12.38
CA ALA D 285 37.07 -23.78 12.98
C ALA D 285 37.87 -22.99 11.94
N ARG D 286 38.57 -23.70 11.06
CA ARG D 286 39.35 -23.02 10.02
C ARG D 286 38.45 -22.20 9.11
N LEU D 287 37.34 -22.78 8.66
CA LEU D 287 36.44 -22.08 7.75
C LEU D 287 35.72 -20.93 8.46
N ARG D 288 35.37 -21.11 9.74
CA ARG D 288 34.77 -20.02 10.49
C ARG D 288 35.75 -18.86 10.64
N LEU D 289 37.03 -19.15 10.84
CA LEU D 289 38.04 -18.10 10.88
C LEU D 289 38.18 -17.42 9.53
N ARG D 290 38.23 -18.21 8.45
CA ARG D 290 38.37 -17.64 7.11
C ARG D 290 37.16 -16.81 6.72
N VAL D 291 35.97 -17.39 6.86
CA VAL D 291 34.72 -16.75 6.45
C VAL D 291 33.91 -16.49 7.72
N SER D 292 33.72 -15.21 8.05
CA SER D 292 32.93 -14.85 9.21
C SER D 292 31.44 -15.07 8.91
N GLY D 293 30.64 -15.06 9.98
CA GLY D 293 29.21 -15.20 9.80
C GLY D 293 28.58 -13.99 9.14
N ALA D 294 29.07 -12.79 9.46
CA ALA D 294 28.46 -11.57 8.94
C ALA D 294 28.59 -11.48 7.43
N VAL D 295 29.77 -11.80 6.90
CA VAL D 295 29.97 -11.72 5.45
C VAL D 295 29.12 -12.78 4.75
N ALA D 296 29.00 -13.97 5.34
CA ALA D 296 28.15 -15.00 4.76
C ALA D 296 26.70 -14.55 4.71
N THR D 297 26.21 -13.95 5.80
CA THR D 297 24.83 -13.47 5.83
C THR D 297 24.61 -12.35 4.82
N ALA D 298 25.58 -11.43 4.71
CA ALA D 298 25.45 -10.33 3.76
C ALA D 298 25.41 -10.85 2.33
N VAL D 299 26.28 -11.80 1.99
CA VAL D 299 26.28 -12.38 0.66
C VAL D 299 24.97 -13.13 0.40
N LEU D 300 24.48 -13.84 1.41
CA LEU D 300 23.21 -14.54 1.31
C LEU D 300 22.09 -13.57 0.96
N TRP D 301 21.99 -12.46 1.69
CA TRP D 301 20.91 -11.52 1.44
C TRP D 301 21.08 -10.77 0.14
N VAL D 302 22.32 -10.48 -0.26
CA VAL D 302 22.54 -9.83 -1.55
C VAL D 302 22.13 -10.75 -2.69
N LEU D 303 22.49 -12.03 -2.58
CA LEU D 303 22.07 -12.99 -3.60
C LEU D 303 20.55 -13.13 -3.64
N ALA D 304 19.91 -13.17 -2.46
CA ALA D 304 18.45 -13.25 -2.43
C ALA D 304 17.81 -12.04 -3.09
N ALA D 305 18.31 -10.84 -2.79
CA ALA D 305 17.77 -9.63 -3.38
C ALA D 305 17.96 -9.63 -4.89
N LEU D 306 19.17 -9.94 -5.37
CA LEU D 306 19.44 -9.91 -6.79
C LEU D 306 18.68 -11.01 -7.52
N LEU D 307 18.43 -12.15 -6.87
CA LEU D 307 17.69 -13.24 -7.49
C LEU D 307 16.20 -12.94 -7.55
N ALA D 308 15.67 -12.21 -6.58
CA ALA D 308 14.28 -11.78 -6.61
C ALA D 308 14.08 -10.47 -7.34
N MET D 309 15.15 -9.82 -7.81
CA MET D 309 15.01 -8.65 -8.68
C MET D 309 14.11 -8.83 -9.89
N PRO D 310 14.15 -9.93 -10.65
CA PRO D 310 13.21 -10.03 -11.78
C PRO D 310 11.76 -9.94 -11.35
N VAL D 311 11.40 -10.47 -10.17
CA VAL D 311 10.02 -10.40 -9.72
C VAL D 311 9.61 -8.95 -9.50
N MET D 312 10.45 -8.17 -8.82
CA MET D 312 10.13 -6.76 -8.60
C MET D 312 10.10 -5.99 -9.90
N VAL D 313 11.02 -6.29 -10.82
CA VAL D 313 11.09 -5.55 -12.07
C VAL D 313 9.86 -5.81 -12.93
N LEU D 314 9.42 -7.06 -13.02
CA LEU D 314 8.40 -7.44 -13.99
C LEU D 314 6.98 -7.51 -13.43
N ARG D 315 6.80 -7.51 -12.12
CA ARG D 315 5.45 -7.61 -11.56
C ARG D 315 4.65 -6.35 -11.88
N THR D 316 3.36 -6.53 -12.09
CA THR D 316 2.47 -5.41 -12.36
C THR D 316 1.06 -5.82 -11.99
N THR D 317 0.19 -4.82 -11.89
CA THR D 317 -1.22 -5.02 -11.60
C THR D 317 -2.03 -4.68 -12.85
N GLY D 318 -2.97 -5.55 -13.20
CA GLY D 318 -3.80 -5.33 -14.37
C GLY D 318 -5.08 -6.11 -14.28
N ASP D 319 -6.11 -5.59 -14.95
CA ASP D 319 -7.42 -6.24 -14.99
C ASP D 319 -7.38 -7.38 -16.01
N LEU D 320 -6.61 -8.41 -15.67
CA LEU D 320 -6.58 -9.59 -16.52
C LEU D 320 -7.98 -10.21 -16.59
N GLU D 321 -8.30 -10.77 -17.74
CA GLU D 321 -9.59 -11.36 -18.03
C GLU D 321 -10.72 -10.33 -18.08
N ASN D 322 -10.36 -9.05 -18.16
CA ASN D 322 -11.31 -7.94 -18.32
C ASN D 322 -12.43 -8.02 -17.27
N THR D 323 -12.01 -8.07 -16.02
CA THR D 323 -12.92 -8.05 -14.89
C THR D 323 -12.56 -6.90 -13.98
N THR D 324 -13.47 -6.58 -13.04
CA THR D 324 -13.21 -5.51 -12.08
C THR D 324 -12.00 -5.83 -11.21
N LYS D 325 -11.68 -7.11 -11.05
CA LYS D 325 -10.56 -7.51 -10.21
C LYS D 325 -9.24 -7.06 -10.81
N VAL D 326 -8.31 -6.69 -9.94
CA VAL D 326 -6.94 -6.35 -10.33
C VAL D 326 -6.05 -7.50 -9.88
N GLN D 327 -5.37 -8.12 -10.83
CA GLN D 327 -4.53 -9.28 -10.55
C GLN D 327 -3.06 -8.89 -10.60
N CYS D 328 -2.33 -9.26 -9.55
CA CYS D 328 -0.91 -8.94 -9.43
C CYS D 328 -0.11 -10.03 -10.16
N TYR D 329 0.22 -9.76 -11.42
CA TYR D 329 0.93 -10.69 -12.28
C TYR D 329 2.28 -10.11 -12.69
N MET D 330 3.00 -10.86 -13.52
CA MET D 330 4.31 -10.44 -14.01
C MET D 330 4.25 -10.21 -15.51
N ASP D 331 4.69 -9.03 -15.95
CA ASP D 331 4.69 -8.65 -17.35
C ASP D 331 6.06 -8.88 -17.95
N TYR D 332 6.11 -9.64 -19.04
CA TYR D 332 7.35 -9.95 -19.72
C TYR D 332 7.55 -9.09 -20.96
N SER D 333 6.68 -8.10 -21.18
CA SER D 333 6.82 -7.25 -22.36
C SER D 333 8.07 -6.40 -22.30
N MET D 334 8.52 -6.04 -21.10
CA MET D 334 9.71 -5.21 -20.98
C MET D 334 10.96 -5.93 -21.48
N VAL D 335 11.08 -7.23 -21.20
CA VAL D 335 12.27 -8.00 -21.49
C VAL D 335 12.07 -9.00 -22.62
N ALA D 336 10.84 -9.17 -23.10
CA ALA D 336 10.59 -10.18 -24.12
C ALA D 336 9.37 -9.78 -24.93
N THR D 337 9.22 -10.44 -26.08
CA THR D 337 8.06 -10.28 -26.93
C THR D 337 6.99 -11.27 -26.50
N VAL D 338 5.92 -11.40 -27.29
CA VAL D 338 4.88 -12.35 -26.97
C VAL D 338 5.38 -13.78 -27.16
N SER D 339 6.17 -14.01 -28.22
CA SER D 339 6.70 -15.35 -28.47
C SER D 339 7.71 -15.75 -27.39
N SER D 340 8.57 -14.83 -26.97
CA SER D 340 9.57 -15.12 -25.97
C SER D 340 9.06 -14.97 -24.55
N GLU D 341 7.81 -14.54 -24.36
CA GLU D 341 7.24 -14.46 -23.03
C GLU D 341 7.18 -15.83 -22.37
N TRP D 342 6.79 -16.85 -23.14
CA TRP D 342 6.79 -18.21 -22.63
C TRP D 342 8.19 -18.65 -22.21
N ALA D 343 9.18 -18.34 -23.04
CA ALA D 343 10.55 -18.73 -22.73
C ALA D 343 11.03 -18.05 -21.45
N TRP D 344 10.74 -16.77 -21.29
CA TRP D 344 11.16 -16.07 -20.07
C TRP D 344 10.43 -16.61 -18.85
N GLU D 345 9.14 -16.92 -18.98
CA GLU D 345 8.40 -17.48 -17.84
C GLU D 345 8.99 -18.83 -17.42
N VAL D 346 9.23 -19.71 -18.40
CA VAL D 346 9.79 -21.01 -18.09
C VAL D 346 11.19 -20.88 -17.52
N GLY D 347 12.01 -19.98 -18.07
CA GLY D 347 13.35 -19.79 -17.55
C GLY D 347 13.36 -19.26 -16.13
N LEU D 348 12.50 -18.28 -15.84
CA LEU D 348 12.42 -17.74 -14.49
C LEU D 348 11.94 -18.79 -13.51
N GLY D 349 10.93 -19.57 -13.89
CA GLY D 349 10.46 -20.63 -13.01
C GLY D 349 11.52 -21.69 -12.76
N VAL D 350 12.21 -22.12 -13.82
CA VAL D 350 13.23 -23.14 -13.68
C VAL D 350 14.39 -22.63 -12.84
N SER D 351 14.81 -21.37 -13.04
CA SER D 351 15.89 -20.82 -12.25
C SER D 351 15.49 -20.66 -10.79
N SER D 352 14.26 -20.21 -10.54
CA SER D 352 13.78 -20.09 -9.16
C SER D 352 13.79 -21.45 -8.48
N THR D 353 13.29 -22.48 -9.16
CA THR D 353 13.33 -23.82 -8.59
C THR D 353 14.77 -24.28 -8.36
N THR D 354 15.64 -24.05 -9.34
CA THR D 354 17.01 -24.54 -9.24
C THR D 354 17.75 -23.92 -8.07
N VAL D 355 17.62 -22.61 -7.88
CA VAL D 355 18.36 -21.91 -6.84
C VAL D 355 17.55 -21.74 -5.56
N GLY D 356 16.35 -22.30 -5.49
CA GLY D 356 15.61 -22.25 -4.25
C GLY D 356 15.29 -23.61 -3.65
N PHE D 357 15.15 -24.63 -4.48
CA PHE D 357 14.94 -26.00 -4.01
C PHE D 357 15.99 -26.96 -4.52
N VAL D 358 16.31 -26.94 -5.82
CA VAL D 358 17.13 -28.02 -6.39
C VAL D 358 18.56 -27.95 -5.87
N VAL D 359 19.28 -26.89 -6.23
CA VAL D 359 20.69 -26.76 -5.85
C VAL D 359 20.86 -26.63 -4.33
N PRO D 360 20.12 -25.73 -3.66
CA PRO D 360 20.29 -25.65 -2.20
C PRO D 360 19.98 -26.96 -1.49
N PHE D 361 18.92 -27.66 -1.90
CA PHE D 361 18.66 -28.95 -1.26
C PHE D 361 19.69 -29.99 -1.65
N THR D 362 20.24 -29.91 -2.87
CA THR D 362 21.31 -30.83 -3.21
C THR D 362 22.50 -30.66 -2.28
N ILE D 363 22.87 -29.40 -2.01
CA ILE D 363 23.94 -29.13 -1.05
C ILE D 363 23.55 -29.67 0.33
N MET D 364 22.29 -29.47 0.72
CA MET D 364 21.87 -29.91 2.04
C MET D 364 21.89 -31.43 2.15
N LEU D 365 21.46 -32.17 1.12
CA LEU D 365 21.53 -33.63 1.24
C LEU D 365 22.97 -34.12 1.17
N THR D 366 23.85 -33.45 0.42
CA THR D 366 25.25 -33.87 0.47
C THR D 366 25.84 -33.69 1.86
N CYS D 367 25.61 -32.52 2.45
CA CYS D 367 26.10 -32.26 3.81
C CYS D 367 25.47 -33.21 4.81
N TYR D 368 24.18 -33.48 4.67
CA TYR D 368 23.48 -34.37 5.60
C TYR D 368 23.89 -35.81 5.42
N PHE D 369 24.27 -36.22 4.20
CA PHE D 369 24.76 -37.58 3.99
C PHE D 369 26.12 -37.77 4.62
N PHE D 370 27.02 -36.78 4.46
CA PHE D 370 28.29 -36.87 5.15
C PHE D 370 28.10 -36.83 6.67
N ILE D 371 27.19 -35.99 7.14
CA ILE D 371 26.86 -35.95 8.56
C ILE D 371 26.34 -37.31 9.02
N ALA D 372 25.48 -37.92 8.21
CA ALA D 372 24.90 -39.21 8.58
C ALA D 372 25.97 -40.29 8.65
N GLN D 373 26.93 -40.27 7.72
CA GLN D 373 28.02 -41.24 7.79
C GLN D 373 28.84 -41.04 9.07
N THR D 374 29.24 -39.80 9.34
CA THR D 374 30.07 -39.54 10.51
C THR D 374 29.32 -39.87 11.80
N ILE D 375 28.03 -39.56 11.85
CA ILE D 375 27.22 -39.83 13.04
C ILE D 375 27.00 -41.33 13.19
N ALA D 376 26.69 -42.03 12.11
CA ALA D 376 26.46 -43.46 12.17
C ALA D 376 27.71 -44.21 12.61
N GLY D 377 28.89 -43.63 12.35
CA GLY D 377 30.11 -44.22 12.87
C GLY D 377 30.07 -44.49 14.36
N HIS D 378 29.32 -43.69 15.10
CA HIS D 378 29.06 -43.94 16.52
C HIS D 378 27.65 -44.46 16.80
N PHE D 379 26.69 -44.14 15.93
CA PHE D 379 25.33 -44.63 16.06
C PHE D 379 25.19 -46.12 15.85
N ARG D 380 26.20 -46.78 15.29
CA ARG D 380 26.14 -48.25 15.25
C ARG D 380 26.13 -48.83 16.67
N LYS D 381 26.64 -48.09 17.65
CA LYS D 381 26.50 -48.43 19.06
C LYS D 381 25.18 -47.85 19.58
N GLU D 382 24.92 -47.95 20.87
CA GLU D 382 23.62 -47.51 21.38
C GLU D 382 23.53 -45.99 21.43
N ARG D 383 24.31 -45.38 22.33
CA ARG D 383 24.54 -43.94 22.44
C ARG D 383 23.28 -43.13 22.09
N ILE D 384 22.22 -43.39 22.86
CA ILE D 384 20.96 -42.69 22.65
C ILE D 384 21.02 -41.24 23.11
N GLU D 385 21.97 -40.89 23.98
CA GLU D 385 22.14 -39.49 24.37
C GLU D 385 22.61 -38.66 23.18
N GLY D 386 23.23 -39.29 22.19
CA GLY D 386 23.58 -38.60 20.97
C GLY D 386 22.36 -38.04 20.25
N LEU D 387 21.24 -38.77 20.31
CA LEU D 387 20.01 -38.26 19.71
C LEU D 387 19.50 -37.03 20.43
N ARG D 388 19.61 -36.97 21.76
CA ARG D 388 19.20 -35.76 22.46
C ARG D 388 20.14 -34.60 22.15
N LYS D 389 21.44 -34.89 22.06
CA LYS D 389 22.40 -33.85 21.68
C LYS D 389 22.10 -33.32 20.29
N ARG D 390 21.74 -34.20 19.36
CA ARG D 390 21.28 -33.75 18.05
C ARG D 390 19.99 -32.94 18.16
N ARG D 391 19.04 -33.41 18.99
CA ARG D 391 17.77 -32.71 19.15
C ARG D 391 17.99 -31.28 19.65
N ARG D 392 19.11 -31.05 20.33
CA ARG D 392 19.42 -29.68 20.75
C ARG D 392 19.52 -28.74 19.54
N LEU D 393 20.49 -28.98 18.65
CA LEU D 393 20.72 -28.08 17.52
C LEU D 393 20.58 -28.76 16.17
N LEU D 394 21.22 -29.92 16.01
CA LEU D 394 21.26 -30.56 14.70
C LEU D 394 19.87 -31.03 14.30
N SER D 395 19.11 -31.60 15.23
CA SER D 395 17.80 -32.12 14.85
C SER D 395 16.78 -31.00 14.70
N ILE D 396 16.95 -29.87 15.40
CA ILE D 396 16.06 -28.75 15.14
C ILE D 396 16.34 -28.16 13.76
N ILE D 397 17.62 -28.13 13.36
CA ILE D 397 17.94 -27.70 12.00
C ILE D 397 17.37 -28.70 11.00
N VAL D 398 17.46 -30.00 11.30
CA VAL D 398 16.93 -31.01 10.39
C VAL D 398 15.42 -30.89 10.27
N VAL D 399 14.73 -30.61 11.38
CA VAL D 399 13.28 -30.46 11.36
C VAL D 399 12.90 -29.20 10.60
N LEU D 400 13.68 -28.12 10.75
CA LEU D 400 13.43 -26.92 9.95
C LEU D 400 13.56 -27.21 8.47
N VAL D 401 14.62 -27.93 8.09
CA VAL D 401 14.83 -28.28 6.69
C VAL D 401 13.70 -29.16 6.17
N VAL D 402 13.28 -30.14 6.98
CA VAL D 402 12.23 -31.05 6.55
C VAL D 402 10.90 -30.32 6.42
N THR D 403 10.60 -29.41 7.33
CA THR D 403 9.37 -28.62 7.23
C THR D 403 9.40 -27.70 6.02
N PHE D 404 10.54 -27.07 5.75
CA PHE D 404 10.67 -26.28 4.53
C PHE D 404 10.46 -27.13 3.30
N ALA D 405 11.03 -28.34 3.30
CA ALA D 405 10.86 -29.24 2.17
C ALA D 405 9.40 -29.64 2.00
N LEU D 406 8.72 -29.95 3.09
CA LEU D 406 7.34 -30.42 3.00
C LEU D 406 6.36 -29.28 2.69
N CYS D 407 6.74 -28.03 2.96
CA CYS D 407 5.89 -26.90 2.66
C CYS D 407 6.16 -26.29 1.29
N TRP D 408 7.36 -26.48 0.74
CA TRP D 408 7.67 -25.96 -0.58
C TRP D 408 7.73 -27.03 -1.67
N MET D 409 7.69 -28.31 -1.30
CA MET D 409 7.60 -29.36 -2.31
C MET D 409 6.31 -29.33 -3.09
N PRO D 410 5.11 -29.16 -2.48
CA PRO D 410 3.92 -29.00 -3.32
C PRO D 410 4.03 -27.84 -4.28
N TYR D 411 4.54 -26.70 -3.81
CA TYR D 411 4.69 -25.51 -4.64
C TYR D 411 5.55 -25.81 -5.87
N HIS D 412 6.82 -26.19 -5.62
CA HIS D 412 7.75 -26.38 -6.72
C HIS D 412 7.37 -27.57 -7.58
N LEU D 413 6.85 -28.64 -6.97
CA LEU D 413 6.46 -29.81 -7.73
C LEU D 413 5.32 -29.48 -8.69
N VAL D 414 4.26 -28.84 -8.19
CA VAL D 414 3.13 -28.51 -9.05
C VAL D 414 3.56 -27.51 -10.12
N LYS D 415 4.38 -26.52 -9.75
CA LYS D 415 4.82 -25.53 -10.73
C LYS D 415 5.67 -26.16 -11.83
N THR D 416 6.60 -27.03 -11.44
CA THR D 416 7.46 -27.69 -12.43
C THR D 416 6.65 -28.64 -13.31
N LEU D 417 5.66 -29.32 -12.73
CA LEU D 417 4.80 -30.18 -13.54
C LEU D 417 4.00 -29.37 -14.54
N TYR D 418 3.51 -28.20 -14.11
CA TYR D 418 2.78 -27.33 -15.04
C TYR D 418 3.69 -26.86 -16.17
N MET D 419 4.92 -26.48 -15.86
CA MET D 419 5.85 -26.07 -16.92
C MET D 419 6.14 -27.24 -17.86
N LEU D 420 6.36 -28.43 -17.31
CA LEU D 420 6.69 -29.60 -18.13
C LEU D 420 5.51 -30.06 -18.96
N GLY D 421 4.28 -29.74 -18.55
CA GLY D 421 3.12 -30.17 -19.31
C GLY D 421 3.07 -29.64 -20.73
N SER D 422 3.72 -28.51 -20.99
CA SER D 422 3.76 -27.98 -22.35
C SER D 422 4.57 -28.88 -23.28
N LEU D 423 5.48 -29.69 -22.72
CA LEU D 423 6.32 -30.55 -23.53
C LEU D 423 6.02 -32.03 -23.32
N LEU D 424 5.27 -32.38 -22.28
CA LEU D 424 4.73 -33.72 -22.10
C LEU D 424 3.28 -33.85 -22.58
N HIS D 425 2.60 -32.75 -22.85
CA HIS D 425 1.22 -32.74 -23.32
C HIS D 425 0.30 -33.46 -22.34
N TRP D 426 0.20 -32.90 -21.14
CA TRP D 426 -0.65 -33.48 -20.11
C TRP D 426 -2.13 -33.37 -20.51
N PRO D 427 -2.96 -34.29 -20.03
CA PRO D 427 -4.40 -34.15 -20.25
C PRO D 427 -4.95 -32.93 -19.52
N CYS D 428 -6.08 -32.43 -20.03
CA CYS D 428 -6.68 -31.23 -19.46
C CYS D 428 -7.05 -31.42 -17.99
N ASP D 429 -7.44 -32.64 -17.61
CA ASP D 429 -7.81 -32.89 -16.21
C ASP D 429 -6.62 -32.69 -15.29
N PHE D 430 -5.44 -33.18 -15.67
CA PHE D 430 -4.26 -33.01 -14.83
C PHE D 430 -3.86 -31.56 -14.71
N ASP D 431 -3.90 -30.81 -15.82
CA ASP D 431 -3.56 -29.40 -15.77
C ASP D 431 -4.53 -28.64 -14.89
N LEU D 432 -5.83 -28.94 -15.02
CA LEU D 432 -6.82 -28.28 -14.17
C LEU D 432 -6.60 -28.62 -12.70
N PHE D 433 -6.25 -29.87 -12.41
CA PHE D 433 -5.99 -30.25 -11.03
C PHE D 433 -4.79 -29.49 -10.47
N LEU D 434 -3.73 -29.35 -11.27
CA LEU D 434 -2.57 -28.59 -10.82
C LEU D 434 -2.93 -27.13 -10.58
N MET D 435 -3.69 -26.53 -11.50
CA MET D 435 -4.08 -25.13 -11.35
C MET D 435 -4.94 -24.92 -10.10
N ASN D 436 -5.87 -25.84 -9.85
CA ASN D 436 -6.75 -25.70 -8.70
C ASN D 436 -6.04 -26.00 -7.38
N ILE D 437 -5.06 -26.88 -7.39
CA ILE D 437 -4.37 -27.23 -6.15
C ILE D 437 -3.21 -26.28 -5.85
N PHE D 438 -2.74 -25.53 -6.82
CA PHE D 438 -1.64 -24.59 -6.57
C PHE D 438 -1.93 -23.57 -5.48
N PRO D 439 -3.13 -22.97 -5.38
CA PRO D 439 -3.37 -22.05 -4.26
C PRO D 439 -3.15 -22.69 -2.90
N TYR D 440 -3.53 -23.95 -2.72
CA TYR D 440 -3.31 -24.60 -1.44
C TYR D 440 -1.83 -24.89 -1.20
N CYS D 441 -1.09 -25.23 -2.25
CA CYS D 441 0.35 -25.40 -2.11
C CYS D 441 1.01 -24.09 -1.69
N THR D 442 0.60 -22.99 -2.31
CA THR D 442 1.05 -21.68 -1.87
C THR D 442 0.67 -21.42 -0.42
N CYS D 443 -0.52 -21.88 -0.02
CA CYS D 443 -0.97 -21.69 1.36
C CYS D 443 -0.06 -22.40 2.35
N ILE D 444 0.34 -23.64 2.04
CA ILE D 444 1.26 -24.35 2.93
C ILE D 444 2.64 -23.69 2.93
N SER D 445 3.10 -23.25 1.76
CA SER D 445 4.38 -22.56 1.69
C SER D 445 4.38 -21.31 2.55
N TYR D 446 3.24 -20.62 2.64
CA TYR D 446 3.09 -19.48 3.53
C TYR D 446 2.93 -19.91 4.99
N VAL D 447 2.30 -21.06 5.24
CA VAL D 447 2.13 -21.56 6.60
C VAL D 447 3.48 -21.86 7.24
N ASN D 448 4.45 -22.29 6.43
CA ASN D 448 5.78 -22.64 6.96
C ASN D 448 6.36 -21.51 7.81
N SER D 449 6.13 -20.26 7.41
CA SER D 449 6.70 -19.12 8.13
C SER D 449 6.24 -19.08 9.57
N CYS D 450 4.93 -19.28 9.79
CA CYS D 450 4.41 -19.34 11.15
C CYS D 450 4.74 -20.67 11.83
N LEU D 451 4.92 -21.74 11.05
CA LEU D 451 5.23 -23.04 11.65
C LEU D 451 6.61 -23.06 12.27
N ASN D 452 7.55 -22.28 11.72
CA ASN D 452 8.93 -22.34 12.18
C ASN D 452 9.11 -21.98 13.66
N PRO D 453 8.53 -20.89 14.19
CA PRO D 453 8.70 -20.62 15.63
C PRO D 453 8.14 -21.70 16.54
N PHE D 454 7.02 -22.33 16.18
CA PHE D 454 6.52 -23.45 16.97
C PHE D 454 7.52 -24.58 16.99
N LEU D 455 8.16 -24.86 15.85
CA LEU D 455 9.23 -25.86 15.83
C LEU D 455 10.36 -25.46 16.76
N TYR D 456 10.67 -24.16 16.82
CA TYR D 456 11.72 -23.71 17.72
C TYR D 456 11.33 -23.98 19.17
N ALA D 457 10.07 -23.73 19.52
CA ALA D 457 9.61 -23.93 20.90
C ALA D 457 9.59 -25.40 21.28
N PHE D 458 9.15 -26.28 20.37
CA PHE D 458 8.98 -27.67 20.70
C PHE D 458 10.30 -28.36 20.99
N PHE D 459 11.30 -28.17 20.10
CA PHE D 459 12.54 -28.92 20.18
C PHE D 459 13.62 -28.16 20.94
N ASP D 460 13.96 -26.97 20.49
CA ASP D 460 15.02 -26.20 21.14
C ASP D 460 14.50 -25.61 22.44
N PRO D 461 15.07 -25.94 23.59
CA PRO D 461 14.59 -25.36 24.85
C PRO D 461 15.02 -23.92 25.05
N ARG D 462 16.01 -23.43 24.28
CA ARG D 462 16.47 -22.06 24.44
C ARG D 462 15.35 -21.07 24.16
N PHE D 463 14.60 -21.30 23.08
CA PHE D 463 13.43 -20.46 22.82
C PHE D 463 12.32 -20.75 23.82
N ARG D 464 12.19 -22.01 24.24
CA ARG D 464 11.18 -22.35 25.25
C ARG D 464 11.49 -21.69 26.58
N GLN D 465 12.77 -21.65 26.97
CA GLN D 465 13.15 -21.00 28.22
C GLN D 465 12.88 -19.50 28.16
N ALA D 466 13.18 -18.88 27.03
CA ALA D 466 12.96 -17.45 26.86
C ALA D 466 11.61 -17.18 26.20
#